data_6MEZ
#
_entry.id   6MEZ
#
_cell.length_a   83.638
_cell.length_b   83.638
_cell.length_c   294.781
_cell.angle_alpha   90.00
_cell.angle_beta   90.00
_cell.angle_gamma   120.00
#
_symmetry.space_group_name_H-M   'H 3'
#
loop_
_entity.id
_entity.type
_entity.pdbx_description
1 polymer 'Bacteriochlorophyll a protein'
2 non-polymer 'BACTERIOCHLOROPHYLL A'
3 non-polymer 'SULFATE ION'
4 water water
#
_entity_poly.entity_id   1
_entity_poly.type   'polypeptide(L)'
_entity_poly.pdbx_seq_one_letter_code
;DTTTAHSDYEIILEGGSSSWGQVKGRAKVNVPAAIPLLPTDCNIRIDAKPLDAQKGVVRFTTKIESVVDSVKNTLNVEVD
IANETKDRRIAVGEGSLSVGDFSHSFSFEGSVVNMYYYRSDAVRRNIPNPIYMQGRQFHDILMKVPLDNNDLVDTWEGFQ
QSISGGGANFGDWIREFWFIGPAFAAINEGGQRISPIVVNSSNVEGGEKGPVGVTRWKFSHAGSGVVDSISRWTELFPVE
QLNKPASIEGGFRSDSQGIEVKVDGNLPGVSRDAGGGLRRILNHPLIPLVHHGMVGKFNDFTVDTQLKIVLPKGYKIRYA
APQFRSQNLEEYRWSGGAYARWVEHVCKGGTGQFEVLYAQ
;
_entity_poly.pdbx_strand_id   A,B
#
loop_
_chem_comp.id
_chem_comp.type
_chem_comp.name
_chem_comp.formula
BCL non-polymer 'BACTERIOCHLOROPHYLL A' 'C55 H74 Mg N4 O6'
SO4 non-polymer 'SULFATE ION' 'O4 S -2'
#
# COMPACT_ATOMS: atom_id res chain seq x y z
N THR A 3 -9.01 -5.62 -13.71
CA THR A 3 -9.27 -4.63 -12.67
C THR A 3 -9.36 -5.26 -11.29
N THR A 4 -8.41 -4.92 -10.41
CA THR A 4 -8.36 -5.52 -9.08
C THR A 4 -8.56 -4.45 -8.02
N ALA A 5 -9.45 -4.71 -7.07
CA ALA A 5 -9.61 -3.83 -5.92
C ALA A 5 -8.76 -4.37 -4.78
N HIS A 6 -7.77 -3.59 -4.34
CA HIS A 6 -6.94 -3.99 -3.21
C HIS A 6 -7.41 -3.29 -1.96
N SER A 7 -7.72 -4.05 -0.91
CA SER A 7 -8.10 -3.41 0.34
C SER A 7 -7.63 -4.20 1.55
N ASP A 8 -7.52 -3.49 2.67
N ASP A 8 -7.50 -3.54 2.68
CA ASP A 8 -7.07 -4.05 3.94
CA ASP A 8 -7.22 -4.27 3.91
C ASP A 8 -7.84 -3.37 5.06
C ASP A 8 -7.67 -3.46 5.10
N TYR A 9 -8.33 -4.16 6.01
CA TYR A 9 -9.02 -3.56 7.15
C TYR A 9 -8.48 -4.17 8.41
N GLU A 10 -8.44 -3.37 9.47
N GLU A 10 -8.40 -3.36 9.46
CA GLU A 10 -7.96 -3.85 10.76
CA GLU A 10 -7.94 -3.82 10.77
C GLU A 10 -8.79 -3.26 11.88
C GLU A 10 -8.84 -3.27 11.86
N ILE A 11 -9.12 -4.11 12.85
CA ILE A 11 -9.87 -3.71 14.03
C ILE A 11 -9.13 -4.20 15.25
N ILE A 12 -8.82 -3.31 16.19
CA ILE A 12 -8.17 -3.74 17.43
C ILE A 12 -9.05 -3.34 18.60
N LEU A 13 -9.54 -4.34 19.34
CA LEU A 13 -10.55 -4.09 20.36
C LEU A 13 -9.99 -3.93 21.76
N GLU A 14 -10.60 -3.03 22.52
CA GLU A 14 -10.37 -2.95 23.95
C GLU A 14 -11.29 -3.96 24.65
N GLY A 15 -10.86 -4.43 25.81
CA GLY A 15 -11.62 -5.42 26.56
C GLY A 15 -12.35 -4.84 27.76
N GLY A 16 -12.74 -5.72 28.68
CA GLY A 16 -13.50 -5.30 29.84
C GLY A 16 -14.84 -4.76 29.42
N SER A 17 -15.24 -3.65 30.02
CA SER A 17 -16.54 -3.06 29.72
C SER A 17 -16.44 -2.05 28.59
N SER A 18 -15.26 -1.96 27.98
CA SER A 18 -15.04 -0.98 26.93
C SER A 18 -15.65 -1.41 25.60
N SER A 19 -16.20 -0.44 24.88
CA SER A 19 -16.70 -0.66 23.52
C SER A 19 -15.75 -0.09 22.49
N TRP A 20 -14.62 0.43 22.95
CA TRP A 20 -13.68 1.11 22.06
C TRP A 20 -12.96 0.17 21.11
N GLY A 21 -12.63 0.67 19.94
CA GLY A 21 -11.73 -0.04 19.06
C GLY A 21 -10.94 0.91 18.20
N GLN A 22 -9.77 0.46 17.75
N GLN A 22 -9.78 0.46 17.75
CA GLN A 22 -9.01 1.16 16.71
CA GLN A 22 -9.04 1.15 16.71
C GLN A 22 -9.38 0.56 15.37
C GLN A 22 -9.46 0.56 15.38
N VAL A 23 -9.75 1.41 14.42
CA VAL A 23 -10.13 0.97 13.09
CA VAL A 23 -10.12 0.95 13.09
C VAL A 23 -9.19 1.54 12.03
N LYS A 24 -8.74 0.67 11.13
N LYS A 24 -8.78 0.67 11.12
CA LYS A 24 -7.93 1.11 9.99
CA LYS A 24 -7.95 1.06 9.99
C LYS A 24 -8.45 0.50 8.69
C LYS A 24 -8.59 0.53 8.71
N GLY A 25 -8.54 1.32 7.65
CA GLY A 25 -8.98 0.87 6.35
C GLY A 25 -8.15 1.51 5.25
N ARG A 26 -7.80 0.70 4.25
N ARG A 26 -7.79 0.74 4.24
CA ARG A 26 -7.07 1.13 3.08
CA ARG A 26 -7.17 1.33 3.07
C ARG A 26 -7.73 0.48 1.87
C ARG A 26 -7.61 0.52 1.86
N ALA A 27 -7.90 1.24 0.79
CA ALA A 27 -8.34 0.64 -0.46
C ALA A 27 -7.71 1.37 -1.64
N LYS A 28 -7.41 0.62 -2.69
CA LYS A 28 -6.99 1.20 -3.95
CA LYS A 28 -6.93 1.17 -3.95
C LYS A 28 -7.59 0.44 -5.11
N VAL A 29 -8.25 1.15 -6.00
CA VAL A 29 -8.83 0.47 -7.16
C VAL A 29 -8.63 1.34 -8.41
N ASN A 30 -8.22 0.68 -9.49
N ASN A 30 -8.19 0.72 -9.50
CA ASN A 30 -7.91 1.37 -10.74
CA ASN A 30 -7.87 1.51 -10.70
C ASN A 30 -9.13 1.52 -11.65
C ASN A 30 -9.05 1.66 -11.67
N VAL A 31 -10.14 2.23 -11.16
CA VAL A 31 -11.32 2.55 -11.97
C VAL A 31 -11.59 4.04 -11.84
N PRO A 32 -12.25 4.64 -12.83
CA PRO A 32 -12.64 6.05 -12.68
C PRO A 32 -13.66 6.26 -11.56
N ALA A 33 -13.49 7.34 -10.80
CA ALA A 33 -14.56 7.81 -9.92
C ALA A 33 -15.71 8.35 -10.78
N ALA A 34 -16.90 8.46 -10.20
CA ALA A 34 -18.08 8.86 -10.95
C ALA A 34 -18.28 10.39 -10.91
N ILE A 35 -17.41 11.11 -10.23
CA ILE A 35 -17.58 12.55 -10.09
C ILE A 35 -17.39 13.22 -11.45
N PRO A 36 -18.33 14.10 -11.85
CA PRO A 36 -18.20 14.68 -13.21
C PRO A 36 -17.19 15.82 -13.30
N LEU A 37 -16.45 16.05 -12.22
CA LEU A 37 -15.27 16.90 -12.22
C LEU A 37 -14.13 16.15 -11.56
N LEU A 38 -13.04 15.96 -12.29
CA LEU A 38 -11.88 15.19 -11.81
C LEU A 38 -10.62 15.90 -12.24
N PRO A 39 -9.54 15.81 -11.44
CA PRO A 39 -9.40 15.09 -10.17
C PRO A 39 -10.17 15.72 -9.02
N THR A 40 -10.52 14.89 -8.03
CA THR A 40 -11.15 15.33 -6.80
C THR A 40 -10.45 14.66 -5.61
N ASP A 41 -9.95 15.46 -4.67
CA ASP A 41 -9.30 14.93 -3.47
C ASP A 41 -9.98 15.51 -2.25
N CYS A 42 -9.93 14.77 -1.14
CA CYS A 42 -10.62 15.23 0.06
C CYS A 42 -10.00 14.64 1.31
N ASN A 43 -9.87 15.45 2.35
CA ASN A 43 -9.47 14.96 3.66
CA ASN A 43 -9.45 14.98 3.66
C ASN A 43 -10.49 15.38 4.72
N ILE A 44 -10.72 14.50 5.68
CA ILE A 44 -11.66 14.80 6.76
C ILE A 44 -11.08 14.35 8.09
N ARG A 45 -11.27 15.18 9.12
N ARG A 45 -11.23 15.19 9.11
CA ARG A 45 -10.85 14.87 10.48
CA ARG A 45 -10.88 14.77 10.46
C ARG A 45 -11.99 15.18 11.44
C ARG A 45 -12.05 15.12 11.35
N ILE A 46 -12.40 14.18 12.22
CA ILE A 46 -13.45 14.38 13.22
C ILE A 46 -12.89 14.05 14.60
N ASP A 47 -13.10 14.95 15.56
CA ASP A 47 -12.66 14.75 16.93
C ASP A 47 -13.85 14.92 17.87
N ALA A 48 -13.90 14.14 18.93
CA ALA A 48 -14.90 14.31 19.98
C ALA A 48 -14.21 14.22 21.33
N LYS A 49 -14.44 15.20 22.19
CA LYS A 49 -13.89 15.08 23.54
C LYS A 49 -14.92 15.44 24.57
N PRO A 50 -14.84 14.80 25.74
CA PRO A 50 -15.79 15.13 26.79
C PRO A 50 -15.49 16.54 27.29
N LEU A 51 -16.53 17.36 27.34
CA LEU A 51 -16.40 18.73 27.79
C LEU A 51 -16.82 18.77 29.24
N ASP A 52 -17.98 18.17 29.49
CA ASP A 52 -18.61 18.16 30.80
C ASP A 52 -19.28 16.80 31.02
N ALA A 53 -18.49 15.83 31.46
CA ALA A 53 -18.95 14.43 31.57
C ALA A 53 -20.12 14.27 32.54
N GLN A 54 -20.18 15.12 33.57
CA GLN A 54 -21.26 15.07 34.54
C GLN A 54 -22.60 15.41 33.88
N LYS A 55 -22.57 16.35 32.94
CA LYS A 55 -23.76 16.74 32.21
C LYS A 55 -23.89 15.97 30.90
N GLY A 56 -22.79 15.38 30.45
CA GLY A 56 -22.79 14.63 29.21
C GLY A 56 -22.66 15.50 27.97
N VAL A 57 -21.89 16.57 28.09
CA VAL A 57 -21.68 17.47 26.97
C VAL A 57 -20.39 17.11 26.24
N VAL A 58 -20.51 16.97 24.93
CA VAL A 58 -19.39 16.58 24.07
C VAL A 58 -19.00 17.72 23.13
N ARG A 59 -17.72 18.01 23.04
CA ARG A 59 -17.23 18.95 22.04
C ARG A 59 -16.78 18.18 20.80
N PHE A 60 -17.48 18.44 19.69
CA PHE A 60 -17.39 17.69 18.45
C PHE A 60 -16.86 18.65 17.40
N THR A 61 -15.74 18.31 16.77
N THR A 61 -15.79 18.25 16.71
CA THR A 61 -15.26 19.15 15.70
CA THR A 61 -15.09 19.13 15.76
C THR A 61 -15.14 18.35 14.44
C THR A 61 -14.77 18.44 14.44
N THR A 62 -15.18 19.06 13.32
CA THR A 62 -14.90 18.46 12.04
CA THR A 62 -14.97 18.48 12.00
C THR A 62 -14.22 19.48 11.14
N LYS A 63 -13.20 19.00 10.44
CA LYS A 63 -12.47 19.79 9.46
C LYS A 63 -12.50 19.03 8.15
N ILE A 64 -12.96 19.69 7.11
CA ILE A 64 -12.99 19.09 5.78
C ILE A 64 -12.23 19.99 4.82
N GLU A 65 -11.40 19.37 4.00
N GLU A 65 -11.32 19.40 4.08
CA GLU A 65 -10.56 20.07 3.05
CA GLU A 65 -10.64 20.15 3.03
C GLU A 65 -10.56 19.31 1.73
C GLU A 65 -10.72 19.31 1.76
N SER A 66 -11.01 19.96 0.65
CA SER A 66 -11.08 19.25 -0.62
C SER A 66 -10.58 20.11 -1.75
N VAL A 67 -10.25 19.44 -2.85
N VAL A 67 -10.23 19.45 -2.85
CA VAL A 67 -9.90 20.11 -4.09
CA VAL A 67 -9.89 20.15 -4.09
C VAL A 67 -10.71 19.46 -5.19
C VAL A 67 -10.63 19.48 -5.25
N VAL A 68 -11.46 20.27 -5.93
CA VAL A 68 -12.30 19.76 -7.00
C VAL A 68 -12.02 20.55 -8.26
N ASP A 69 -11.48 19.86 -9.26
CA ASP A 69 -11.07 20.52 -10.51
C ASP A 69 -10.25 21.78 -10.20
N SER A 70 -9.29 21.60 -9.28
CA SER A 70 -8.30 22.63 -8.89
CA SER A 70 -8.30 22.60 -8.86
C SER A 70 -8.82 23.69 -7.91
N VAL A 71 -10.10 23.63 -7.55
CA VAL A 71 -10.65 24.62 -6.62
C VAL A 71 -10.62 24.10 -5.19
N LYS A 72 -10.05 24.88 -4.27
CA LYS A 72 -9.94 24.45 -2.87
C LYS A 72 -11.15 24.88 -2.04
N ASN A 73 -11.69 23.92 -1.30
CA ASN A 73 -12.82 24.12 -0.40
C ASN A 73 -12.45 23.71 1.01
N THR A 74 -13.00 24.41 2.00
CA THR A 74 -12.83 23.99 3.39
C THR A 74 -14.13 24.13 4.15
N LEU A 75 -14.28 23.32 5.19
CA LEU A 75 -15.36 23.48 6.14
C LEU A 75 -14.82 23.15 7.52
N ASN A 76 -15.07 24.03 8.48
CA ASN A 76 -14.69 23.79 9.87
CA ASN A 76 -14.72 23.71 9.85
C ASN A 76 -15.93 23.99 10.72
N VAL A 77 -16.22 23.05 11.62
CA VAL A 77 -17.36 23.22 12.52
C VAL A 77 -16.96 22.77 13.89
N GLU A 78 -17.34 23.54 14.89
N GLU A 78 -17.33 23.55 14.90
CA GLU A 78 -17.12 23.18 16.29
CA GLU A 78 -17.12 23.17 16.30
C GLU A 78 -18.47 23.20 16.98
C GLU A 78 -18.46 23.22 17.01
N VAL A 79 -18.87 22.08 17.57
CA VAL A 79 -20.21 22.01 18.14
CA VAL A 79 -20.22 21.95 18.12
C VAL A 79 -20.23 21.30 19.49
N ASP A 80 -21.01 21.84 20.42
CA ASP A 80 -21.24 21.21 21.71
C ASP A 80 -22.55 20.44 21.63
N ILE A 81 -22.51 19.14 21.90
CA ILE A 81 -23.69 18.29 21.73
C ILE A 81 -24.03 17.60 23.03
N ALA A 82 -25.32 17.50 23.35
CA ALA A 82 -25.71 16.73 24.53
C ALA A 82 -27.14 16.20 24.39
N ASN A 83 -27.43 15.07 25.03
CA ASN A 83 -28.80 14.60 25.16
C ASN A 83 -29.52 15.37 26.24
N GLU A 84 -30.76 15.77 25.96
CA GLU A 84 -31.61 16.32 27.02
C GLU A 84 -32.47 15.18 27.56
N THR A 85 -32.97 14.35 26.65
CA THR A 85 -33.69 13.13 27.00
C THR A 85 -33.22 12.03 26.08
N LYS A 86 -33.78 10.82 26.22
CA LYS A 86 -33.39 9.75 25.30
C LYS A 86 -33.85 10.05 23.87
N ASP A 87 -34.84 10.94 23.71
CA ASP A 87 -35.35 11.26 22.36
C ASP A 87 -34.92 12.63 21.84
N ARG A 88 -34.53 13.53 22.73
CA ARG A 88 -34.20 14.89 22.33
CA ARG A 88 -34.20 14.89 22.35
C ARG A 88 -32.74 15.22 22.59
N ARG A 89 -32.08 15.74 21.57
CA ARG A 89 -30.66 16.09 21.60
C ARG A 89 -30.51 17.56 21.20
N ILE A 90 -29.57 18.26 21.80
N ILE A 90 -29.55 18.25 21.80
CA ILE A 90 -29.38 19.67 21.47
CA ILE A 90 -29.37 19.69 21.54
C ILE A 90 -27.94 19.90 21.02
C ILE A 90 -27.92 19.99 21.12
N ALA A 91 -27.77 20.93 20.19
CA ALA A 91 -26.45 21.27 19.68
C ALA A 91 -26.30 22.77 19.58
N VAL A 92 -25.11 23.25 19.94
N VAL A 92 -25.13 23.27 19.97
CA VAL A 92 -24.79 24.66 19.82
CA VAL A 92 -24.81 24.68 19.79
C VAL A 92 -23.39 24.73 19.21
C VAL A 92 -23.40 24.77 19.23
N GLY A 93 -23.25 25.48 18.12
CA GLY A 93 -21.96 25.51 17.45
C GLY A 93 -21.69 26.68 16.53
N GLU A 94 -20.53 26.66 15.91
CA GLU A 94 -20.15 27.71 14.99
C GLU A 94 -19.17 27.15 14.00
N GLY A 95 -18.92 27.87 12.91
CA GLY A 95 -17.98 27.34 11.94
C GLY A 95 -17.83 28.28 10.78
N SER A 96 -17.10 27.83 9.76
CA SER A 96 -16.92 28.63 8.57
C SER A 96 -16.72 27.72 7.39
N LEU A 97 -16.86 28.30 6.20
CA LEU A 97 -16.59 27.55 4.98
C LEU A 97 -15.91 28.49 4.00
N SER A 98 -15.15 27.90 3.08
CA SER A 98 -14.53 28.70 2.03
C SER A 98 -14.52 27.89 0.74
N VAL A 99 -14.66 28.62 -0.36
CA VAL A 99 -14.59 28.05 -1.71
C VAL A 99 -13.79 29.05 -2.53
N GLY A 100 -12.59 28.70 -2.97
CA GLY A 100 -11.79 29.65 -3.73
C GLY A 100 -11.60 30.93 -2.92
N ASP A 101 -11.96 32.07 -3.49
CA ASP A 101 -11.71 33.36 -2.83
C ASP A 101 -12.83 33.78 -1.87
N PHE A 102 -13.82 32.92 -1.70
CA PHE A 102 -15.01 33.30 -0.96
C PHE A 102 -15.10 32.55 0.34
N SER A 103 -15.57 33.22 1.38
CA SER A 103 -15.82 32.51 2.63
C SER A 103 -16.96 33.16 3.40
N HIS A 104 -17.54 32.41 4.30
CA HIS A 104 -18.53 32.93 5.20
C HIS A 104 -18.58 32.11 6.45
N SER A 105 -18.99 32.72 7.54
CA SER A 105 -19.04 32.01 8.81
C SER A 105 -20.49 31.81 9.23
N PHE A 106 -20.70 31.10 10.33
CA PHE A 106 -22.05 30.85 10.82
C PHE A 106 -22.01 30.42 12.26
N SER A 107 -23.13 30.62 12.94
CA SER A 107 -23.32 30.06 14.27
C SER A 107 -24.73 29.53 14.31
N PHE A 108 -24.98 28.54 15.18
CA PHE A 108 -26.30 27.95 15.21
C PHE A 108 -26.62 27.33 16.55
N GLU A 109 -27.91 27.14 16.81
N GLU A 109 -27.91 27.16 16.79
CA GLU A 109 -28.37 26.36 17.95
CA GLU A 109 -28.44 26.40 17.91
C GLU A 109 -29.58 25.56 17.49
C GLU A 109 -29.51 25.52 17.32
N GLY A 110 -29.55 24.25 17.72
CA GLY A 110 -30.57 23.39 17.19
C GLY A 110 -30.99 22.30 18.13
N SER A 111 -32.18 21.77 17.88
CA SER A 111 -32.65 20.60 18.60
CA SER A 111 -32.69 20.61 18.61
C SER A 111 -33.13 19.57 17.59
N VAL A 112 -32.93 18.30 17.93
CA VAL A 112 -33.39 17.21 17.08
C VAL A 112 -34.14 16.24 17.97
N VAL A 113 -35.34 15.87 17.55
CA VAL A 113 -36.14 14.92 18.31
C VAL A 113 -36.38 13.68 17.45
N ASN A 114 -36.00 12.52 17.98
CA ASN A 114 -36.20 11.27 17.26
C ASN A 114 -37.48 10.59 17.73
N MET A 115 -38.32 10.17 16.80
N MET A 115 -38.28 10.13 16.78
CA MET A 115 -39.55 9.48 17.18
CA MET A 115 -39.55 9.51 17.10
C MET A 115 -39.74 8.19 16.40
C MET A 115 -39.70 8.17 16.37
N TYR A 116 -39.75 7.08 17.13
CA TYR A 116 -40.03 5.82 16.49
C TYR A 116 -41.52 5.67 16.32
N TYR A 117 -41.91 4.99 15.26
CA TYR A 117 -43.30 4.78 15.02
C TYR A 117 -43.73 3.46 15.70
N TYR A 118 -44.74 3.52 16.49
CA TYR A 118 -45.32 2.34 17.06
C TYR A 118 -44.45 1.19 17.56
N ARG A 119 -43.59 1.48 18.55
CA ARG A 119 -42.76 0.47 19.16
C ARG A 119 -43.56 -0.48 20.05
N SER A 120 -43.18 -1.73 20.05
CA SER A 120 -43.88 -2.73 20.79
C SER A 120 -42.96 -3.64 21.54
N ASP A 121 -43.34 -4.03 22.78
CA ASP A 121 -42.82 -5.13 23.74
CA ASP A 121 -42.74 -5.09 23.62
C ASP A 121 -42.79 -6.62 23.06
N ALA A 122 -43.78 -6.75 22.17
CA ALA A 122 -43.88 -8.06 21.53
C ALA A 122 -42.73 -8.21 20.54
N VAL A 123 -42.33 -7.09 19.94
CA VAL A 123 -41.18 -7.12 19.05
C VAL A 123 -39.90 -7.21 19.89
N ARG A 124 -39.79 -6.32 20.87
N ARG A 124 -39.77 -6.32 20.87
CA ARG A 124 -38.58 -6.22 21.68
CA ARG A 124 -38.55 -6.23 21.67
C ARG A 124 -38.17 -7.54 22.34
C ARG A 124 -38.15 -7.55 22.34
N ARG A 125 -39.12 -8.28 22.89
CA ARG A 125 -38.77 -9.49 23.61
C ARG A 125 -38.56 -10.70 22.70
N ASN A 126 -39.01 -10.62 21.45
CA ASN A 126 -38.88 -11.77 20.55
C ASN A 126 -37.76 -11.70 19.51
N ILE A 127 -37.30 -10.49 19.20
CA ILE A 127 -36.25 -10.30 18.19
C ILE A 127 -34.91 -10.00 18.87
N PRO A 128 -33.95 -10.93 18.77
CA PRO A 128 -32.74 -10.68 19.57
C PRO A 128 -31.84 -9.58 19.00
N ASN A 129 -31.87 -9.36 17.69
CA ASN A 129 -31.02 -8.35 17.08
C ASN A 129 -31.84 -7.61 16.01
N PRO A 130 -32.62 -6.61 16.43
CA PRO A 130 -33.50 -5.92 15.48
C PRO A 130 -32.72 -4.96 14.57
N ILE A 131 -33.09 -4.91 13.30
CA ILE A 131 -32.40 -4.05 12.34
C ILE A 131 -33.28 -2.87 11.90
N TYR A 132 -34.37 -3.15 11.18
CA TYR A 132 -35.20 -2.07 10.63
C TYR A 132 -36.12 -1.47 11.67
N MET A 133 -35.88 -0.22 12.04
N MET A 133 -35.84 -0.22 12.05
CA MET A 133 -36.81 0.47 12.93
CA MET A 133 -36.72 0.56 12.91
C MET A 133 -37.24 1.79 12.29
C MET A 133 -37.21 1.77 12.14
N GLN A 134 -38.53 1.88 11.97
CA GLN A 134 -39.11 3.02 11.24
C GLN A 134 -39.37 4.20 12.17
N GLY A 135 -39.17 5.41 11.65
CA GLY A 135 -39.39 6.57 12.48
C GLY A 135 -39.25 7.87 11.73
N ARG A 136 -39.38 8.96 12.45
CA ARG A 136 -39.28 10.29 11.89
C ARG A 136 -38.52 11.15 12.88
N GLN A 137 -37.78 12.13 12.36
CA GLN A 137 -36.80 12.86 13.17
C GLN A 137 -36.91 14.35 12.89
N PHE A 138 -37.27 15.13 13.91
CA PHE A 138 -37.62 16.54 13.73
C PHE A 138 -36.48 17.48 14.07
N HIS A 139 -36.14 18.38 13.15
CA HIS A 139 -35.11 19.34 13.35
C HIS A 139 -35.69 20.75 13.58
N ASP A 140 -35.16 21.45 14.55
CA ASP A 140 -35.52 22.84 14.84
C ASP A 140 -34.22 23.63 14.90
N ILE A 141 -34.02 24.56 13.97
CA ILE A 141 -32.72 25.20 13.81
C ILE A 141 -32.81 26.72 13.84
N LEU A 142 -31.95 27.32 14.65
CA LEU A 142 -31.76 28.76 14.63
C LEU A 142 -30.36 29.01 14.11
N MET A 143 -30.21 29.73 13.01
CA MET A 143 -28.85 29.99 12.53
C MET A 143 -28.61 31.45 12.20
N LYS A 144 -27.36 31.88 12.36
CA LYS A 144 -26.97 33.28 12.22
C LYS A 144 -25.73 33.36 11.34
N VAL A 145 -25.81 34.21 10.32
CA VAL A 145 -24.70 34.40 9.39
C VAL A 145 -24.45 35.89 9.17
N PRO A 146 -23.25 36.37 9.53
CA PRO A 146 -22.96 37.78 9.27
C PRO A 146 -23.02 38.09 7.79
N LEU A 147 -23.71 39.16 7.42
CA LEU A 147 -23.84 39.55 6.01
C LEU A 147 -22.69 40.49 5.66
N ASP A 148 -21.47 39.97 5.69
CA ASP A 148 -20.30 40.87 5.67
C ASP A 148 -19.56 40.93 4.34
N ASN A 149 -20.22 40.56 3.25
CA ASN A 149 -19.76 40.91 1.90
C ASN A 149 -20.97 40.96 0.97
N ASN A 150 -20.75 41.47 -0.23
N ASN A 150 -20.79 41.49 -0.24
CA ASN A 150 -21.82 41.72 -1.18
CA ASN A 150 -21.96 41.72 -1.08
C ASN A 150 -22.53 40.44 -1.59
C ASN A 150 -22.54 40.45 -1.69
N ASP A 151 -21.76 39.37 -1.78
CA ASP A 151 -22.31 38.10 -2.24
C ASP A 151 -23.34 37.57 -1.24
N LEU A 152 -22.99 37.65 0.04
CA LEU A 152 -23.91 37.25 1.09
C LEU A 152 -25.20 38.09 1.10
N VAL A 153 -25.04 39.38 0.90
CA VAL A 153 -26.20 40.28 0.87
C VAL A 153 -27.11 39.95 -0.30
N ASP A 154 -26.52 39.67 -1.46
N ASP A 154 -26.52 39.69 -1.46
CA ASP A 154 -27.29 39.34 -2.65
CA ASP A 154 -27.28 39.35 -2.65
C ASP A 154 -28.07 38.04 -2.49
C ASP A 154 -28.09 38.06 -2.43
N THR A 155 -27.44 37.02 -1.91
CA THR A 155 -28.11 35.74 -1.68
C THR A 155 -29.20 35.89 -0.62
N TRP A 156 -28.91 36.67 0.42
CA TRP A 156 -29.91 36.93 1.45
C TRP A 156 -31.19 37.49 0.82
N GLU A 157 -31.03 38.52 0.00
CA GLU A 157 -32.15 39.17 -0.67
C GLU A 157 -32.91 38.20 -1.59
N GLY A 158 -32.18 37.36 -2.33
CA GLY A 158 -32.81 36.37 -3.18
C GLY A 158 -33.72 35.43 -2.41
N PHE A 159 -33.25 35.00 -1.25
CA PHE A 159 -34.05 34.11 -0.43
C PHE A 159 -35.22 34.84 0.21
N GLN A 160 -35.04 36.08 0.65
CA GLN A 160 -36.16 36.86 1.18
C GLN A 160 -37.30 36.98 0.18
N GLN A 161 -36.95 37.19 -1.08
CA GLN A 161 -37.94 37.28 -2.13
C GLN A 161 -38.73 35.98 -2.26
N SER A 162 -38.04 34.85 -2.21
N SER A 162 -38.03 34.85 -2.23
CA SER A 162 -38.67 33.56 -2.43
CA SER A 162 -38.67 33.56 -2.42
C SER A 162 -39.48 33.09 -1.24
C SER A 162 -39.54 33.21 -1.23
N ILE A 163 -39.05 33.48 -0.04
CA ILE A 163 -39.78 33.17 1.18
C ILE A 163 -41.07 34.01 1.23
N SER A 164 -40.94 35.31 1.00
CA SER A 164 -42.07 36.23 1.00
C SER A 164 -43.09 35.91 -0.10
N GLY A 165 -42.61 35.63 -1.29
CA GLY A 165 -43.48 35.54 -2.45
C GLY A 165 -43.88 34.14 -2.86
N GLY A 166 -43.08 33.14 -2.47
CA GLY A 166 -43.23 31.79 -2.97
C GLY A 166 -44.30 30.96 -2.29
N GLY A 167 -44.84 31.46 -1.18
CA GLY A 167 -45.85 30.71 -0.44
C GLY A 167 -45.41 29.29 -0.11
N ALA A 168 -46.30 28.33 -0.36
CA ALA A 168 -46.01 26.92 -0.03
C ALA A 168 -44.95 26.33 -0.94
N ASN A 169 -44.78 26.95 -2.11
CA ASN A 169 -43.80 26.48 -3.06
C ASN A 169 -42.37 26.53 -2.52
N PHE A 170 -42.05 27.56 -1.74
CA PHE A 170 -40.68 27.73 -1.31
C PHE A 170 -40.15 26.51 -0.56
N GLY A 171 -40.89 26.05 0.44
CA GLY A 171 -40.42 24.95 1.28
C GLY A 171 -40.46 23.58 0.59
N ASP A 172 -41.20 23.52 -0.50
CA ASP A 172 -41.35 22.33 -1.34
C ASP A 172 -40.15 22.28 -2.31
N TRP A 173 -40.07 23.31 -3.16
CA TRP A 173 -39.04 23.37 -4.19
C TRP A 173 -37.63 23.51 -3.70
N ILE A 174 -37.42 23.92 -2.45
CA ILE A 174 -36.08 24.03 -1.91
CA ILE A 174 -36.08 24.04 -1.92
C ILE A 174 -35.39 22.67 -1.87
N ARG A 175 -36.16 21.58 -1.91
CA ARG A 175 -35.53 20.28 -1.74
C ARG A 175 -34.63 19.88 -2.91
N GLU A 176 -35.00 20.25 -4.14
CA GLU A 176 -34.10 19.93 -5.25
C GLU A 176 -32.91 20.89 -5.34
N PHE A 177 -32.98 22.02 -4.63
CA PHE A 177 -31.81 22.90 -4.51
C PHE A 177 -30.82 22.34 -3.48
N TRP A 178 -31.38 21.92 -2.35
CA TRP A 178 -30.64 21.40 -1.20
C TRP A 178 -29.89 20.12 -1.52
N PHE A 179 -30.59 19.17 -2.16
CA PHE A 179 -30.00 17.87 -2.45
CA PHE A 179 -29.95 17.88 -2.43
C PHE A 179 -29.44 17.86 -3.87
N ILE A 180 -28.39 18.64 -4.04
CA ILE A 180 -27.78 18.89 -5.33
C ILE A 180 -27.31 17.62 -6.03
N GLY A 181 -27.42 17.63 -7.36
CA GLY A 181 -26.88 16.55 -8.17
C GLY A 181 -27.50 15.21 -7.78
N PRO A 182 -26.65 14.17 -7.66
CA PRO A 182 -27.15 12.81 -7.38
CA PRO A 182 -27.19 12.83 -7.40
C PRO A 182 -27.66 12.63 -5.96
N ALA A 183 -27.51 13.64 -5.10
CA ALA A 183 -28.00 13.51 -3.74
C ALA A 183 -29.52 13.34 -3.72
N PHE A 184 -30.23 13.99 -4.64
CA PHE A 184 -31.69 13.89 -4.60
C PHE A 184 -32.19 12.44 -4.80
N ALA A 185 -31.65 11.75 -5.82
CA ALA A 185 -32.05 10.38 -6.10
C ALA A 185 -31.73 9.45 -4.93
N ALA A 186 -30.68 9.75 -4.17
CA ALA A 186 -30.25 8.85 -3.11
C ALA A 186 -31.22 8.84 -1.95
N ILE A 187 -32.07 9.87 -1.82
CA ILE A 187 -33.04 9.91 -0.71
C ILE A 187 -33.99 8.71 -0.80
N ASN A 188 -34.68 8.52 -1.89
CA ASN A 188 -35.58 7.39 -2.02
C ASN A 188 -34.84 6.04 -1.95
N GLU A 189 -33.64 6.02 -2.49
CA GLU A 189 -32.87 4.76 -2.53
CA GLU A 189 -32.89 4.77 -2.54
C GLU A 189 -32.72 4.14 -1.16
N GLY A 190 -32.58 4.98 -0.14
CA GLY A 190 -32.42 4.51 1.24
C GLY A 190 -33.72 4.43 2.01
N GLY A 191 -34.85 4.53 1.32
CA GLY A 191 -36.15 4.49 1.99
C GLY A 191 -36.36 5.69 2.89
N GLN A 192 -35.78 6.83 2.50
CA GLN A 192 -35.79 8.05 3.29
C GLN A 192 -36.79 9.04 2.68
N ARG A 193 -37.30 9.94 3.52
CA ARG A 193 -38.18 11.03 3.07
C ARG A 193 -37.74 12.32 3.73
N ILE A 194 -37.77 13.43 2.99
CA ILE A 194 -37.44 14.74 3.56
C ILE A 194 -38.72 15.59 3.46
N SER A 195 -39.15 16.17 4.58
CA SER A 195 -40.35 17.00 4.56
C SER A 195 -40.05 18.33 3.91
N PRO A 196 -41.10 19.03 3.47
CA PRO A 196 -40.90 20.44 3.11
C PRO A 196 -40.33 21.19 4.31
N ILE A 197 -39.60 22.26 4.03
N ILE A 197 -39.60 22.27 4.05
CA ILE A 197 -39.08 23.15 5.07
CA ILE A 197 -39.12 23.06 5.17
C ILE A 197 -40.15 24.17 5.50
C ILE A 197 -40.14 24.13 5.52
N VAL A 198 -40.18 24.48 6.79
CA VAL A 198 -41.05 25.53 7.29
C VAL A 198 -40.12 26.62 7.82
N VAL A 199 -40.30 27.85 7.37
CA VAL A 199 -39.53 28.97 7.88
C VAL A 199 -40.35 29.71 8.91
N ASN A 200 -39.90 29.76 10.16
CA ASN A 200 -40.64 30.48 11.19
C ASN A 200 -40.35 31.97 11.19
N SER A 201 -39.09 32.32 11.04
CA SER A 201 -38.74 33.73 10.93
C SER A 201 -37.42 33.90 10.22
N SER A 202 -37.29 35.04 9.56
CA SER A 202 -36.04 35.37 8.86
CA SER A 202 -36.04 35.37 8.88
C SER A 202 -35.87 36.87 8.96
N ASN A 203 -34.87 37.31 9.70
CA ASN A 203 -34.69 38.73 10.00
C ASN A 203 -33.24 39.15 9.97
N VAL A 204 -33.01 40.43 9.75
CA VAL A 204 -31.68 41.00 9.88
C VAL A 204 -31.55 41.57 11.29
N GLU A 205 -30.51 41.17 12.00
CA GLU A 205 -30.22 41.73 13.31
C GLU A 205 -28.94 42.54 13.25
N GLY A 206 -28.82 43.52 14.14
CA GLY A 206 -27.62 44.32 14.22
C GLY A 206 -26.62 43.65 15.14
N GLY A 207 -25.63 42.99 14.56
CA GLY A 207 -24.58 42.35 15.31
C GLY A 207 -23.48 43.34 15.65
N GLU A 208 -22.43 42.86 16.33
CA GLU A 208 -21.32 43.72 16.71
C GLU A 208 -20.69 44.41 15.51
N LYS A 209 -20.34 43.61 14.50
CA LYS A 209 -19.58 44.13 13.38
C LYS A 209 -20.41 44.35 12.10
N GLY A 210 -21.73 44.50 12.25
CA GLY A 210 -22.59 44.76 11.10
C GLY A 210 -23.84 43.88 11.10
N PRO A 211 -24.61 43.91 10.01
CA PRO A 211 -25.85 43.14 9.91
C PRO A 211 -25.64 41.63 9.90
N VAL A 212 -26.56 40.94 10.55
CA VAL A 212 -26.53 39.49 10.65
C VAL A 212 -27.86 38.92 10.21
N GLY A 213 -27.83 37.94 9.29
CA GLY A 213 -29.03 37.27 8.82
C GLY A 213 -29.39 36.14 9.76
N VAL A 214 -30.58 36.22 10.36
CA VAL A 214 -31.00 35.27 11.38
C VAL A 214 -32.25 34.52 10.94
N THR A 215 -32.16 33.20 10.85
N THR A 215 -32.17 33.19 10.82
CA THR A 215 -33.30 32.40 10.42
CA THR A 215 -33.33 32.42 10.38
C THR A 215 -33.62 31.28 11.40
C THR A 215 -33.64 31.22 11.28
N ARG A 216 -34.90 31.09 11.68
CA ARG A 216 -35.35 29.93 12.43
C ARG A 216 -36.19 29.07 11.50
N TRP A 217 -35.84 27.80 11.36
CA TRP A 217 -36.55 26.95 10.40
C TRP A 217 -36.59 25.52 10.90
N LYS A 218 -37.46 24.72 10.28
CA LYS A 218 -37.73 23.38 10.74
C LYS A 218 -37.87 22.45 9.56
N PHE A 219 -37.51 21.18 9.75
CA PHE A 219 -37.87 20.14 8.79
C PHE A 219 -37.87 18.81 9.53
N SER A 220 -38.45 17.79 8.93
CA SER A 220 -38.24 16.45 9.47
C SER A 220 -37.78 15.52 8.36
N HIS A 221 -37.13 14.43 8.75
CA HIS A 221 -36.88 13.38 7.75
C HIS A 221 -37.34 12.07 8.36
N ALA A 222 -37.68 11.11 7.52
CA ALA A 222 -38.24 9.85 8.01
C ALA A 222 -37.55 8.69 7.31
N GLY A 223 -37.66 7.50 7.90
CA GLY A 223 -37.03 6.33 7.31
C GLY A 223 -37.88 5.11 7.60
N SER A 224 -37.84 4.16 6.67
CA SER A 224 -38.53 2.89 6.81
C SER A 224 -37.69 1.87 7.57
N GLY A 225 -36.51 2.27 8.06
CA GLY A 225 -35.68 1.36 8.83
C GLY A 225 -34.24 1.20 8.33
N VAL A 226 -33.98 1.57 7.09
CA VAL A 226 -32.63 1.51 6.53
C VAL A 226 -31.82 2.70 7.04
N VAL A 227 -32.53 3.80 7.30
CA VAL A 227 -31.88 5.04 7.69
C VAL A 227 -31.36 4.90 9.12
N ASP A 228 -30.04 4.74 9.28
CA ASP A 228 -29.45 4.45 10.60
C ASP A 228 -29.56 5.62 11.56
N SER A 229 -29.59 6.85 11.03
CA SER A 229 -29.68 8.02 11.89
CA SER A 229 -29.74 8.06 11.83
C SER A 229 -30.99 8.02 12.69
N ILE A 230 -31.98 7.28 12.21
CA ILE A 230 -33.24 7.12 12.92
C ILE A 230 -33.29 5.79 13.66
N SER A 231 -32.99 4.70 12.96
N SER A 231 -32.98 4.71 12.94
CA SER A 231 -33.10 3.38 13.56
CA SER A 231 -33.04 3.36 13.48
C SER A 231 -32.14 3.20 14.75
C SER A 231 -32.13 3.19 14.69
N ARG A 232 -30.98 3.83 14.66
CA ARG A 232 -29.96 3.66 15.67
C ARG A 232 -29.57 4.97 16.39
N TRP A 233 -30.55 5.83 16.61
CA TRP A 233 -30.38 7.14 17.24
C TRP A 233 -29.53 7.23 18.49
N THR A 234 -29.77 6.33 19.41
CA THR A 234 -29.01 6.37 20.64
C THR A 234 -27.60 5.83 20.46
N GLU A 235 -27.49 4.68 19.81
CA GLU A 235 -26.24 4.01 19.57
C GLU A 235 -25.22 4.84 18.81
N LEU A 236 -25.71 5.66 17.93
CA LEU A 236 -24.83 6.47 17.11
C LEU A 236 -24.13 7.65 17.85
N PHE A 237 -24.49 7.88 19.09
CA PHE A 237 -23.90 8.94 19.90
C PHE A 237 -23.59 8.31 21.28
N PRO A 238 -22.43 7.57 21.31
CA PRO A 238 -22.13 6.89 22.57
C PRO A 238 -21.39 7.74 23.60
N VAL A 239 -22.09 8.74 24.08
CA VAL A 239 -21.50 9.69 25.00
C VAL A 239 -21.10 9.02 26.33
N GLU A 240 -21.83 8.00 26.73
CA GLU A 240 -21.54 7.33 28.00
C GLU A 240 -20.19 6.62 28.01
N GLN A 241 -19.71 6.25 26.84
CA GLN A 241 -18.42 5.55 26.73
C GLN A 241 -17.27 6.50 26.38
N LEU A 242 -17.58 7.77 26.17
CA LEU A 242 -16.54 8.73 25.81
C LEU A 242 -15.82 9.25 27.05
N ASN A 243 -14.87 8.47 27.54
CA ASN A 243 -14.13 8.83 28.75
C ASN A 243 -12.79 9.46 28.42
N LYS A 244 -12.52 9.60 27.13
CA LYS A 244 -11.25 10.12 26.64
C LYS A 244 -11.54 10.58 25.22
N PRO A 245 -10.64 11.39 24.63
CA PRO A 245 -10.93 11.86 23.27
C PRO A 245 -10.97 10.75 22.24
N ALA A 246 -11.88 10.89 21.28
CA ALA A 246 -11.98 9.97 20.16
C ALA A 246 -11.69 10.75 18.90
N SER A 247 -11.19 10.06 17.87
N SER A 247 -11.21 10.04 17.88
CA SER A 247 -10.93 10.74 16.61
CA SER A 247 -10.83 10.69 16.64
C SER A 247 -10.86 9.78 15.46
C SER A 247 -10.94 9.75 15.46
N ILE A 248 -11.19 10.31 14.28
CA ILE A 248 -11.09 9.54 13.07
C ILE A 248 -10.64 10.49 11.98
N GLU A 249 -9.81 9.97 11.11
CA GLU A 249 -9.26 10.73 9.99
CA GLU A 249 -9.26 10.73 9.99
C GLU A 249 -9.40 9.89 8.73
N GLY A 250 -9.78 10.54 7.64
CA GLY A 250 -9.92 9.84 6.37
C GLY A 250 -9.54 10.76 5.23
N GLY A 251 -9.12 10.18 4.11
CA GLY A 251 -8.80 10.97 2.94
C GLY A 251 -8.92 10.11 1.70
N PHE A 252 -9.27 10.73 0.57
CA PHE A 252 -9.17 10.01 -0.69
C PHE A 252 -8.57 10.90 -1.76
N ARG A 253 -8.05 10.24 -2.78
CA ARG A 253 -7.60 10.89 -4.01
C ARG A 253 -8.28 10.14 -5.13
N SER A 254 -8.86 10.87 -6.08
CA SER A 254 -9.52 10.21 -7.19
C SER A 254 -9.31 10.97 -8.48
N ASP A 255 -9.25 10.22 -9.58
CA ASP A 255 -9.29 10.86 -10.88
C ASP A 255 -9.85 9.85 -11.89
N SER A 256 -9.62 10.09 -13.18
CA SER A 256 -10.23 9.24 -14.19
C SER A 256 -9.54 7.86 -14.31
N GLN A 257 -8.48 7.68 -13.54
N GLN A 257 -8.47 7.63 -13.56
CA GLN A 257 -7.69 6.45 -13.58
CA GLN A 257 -7.83 6.32 -13.64
C GLN A 257 -7.94 5.56 -12.36
C GLN A 257 -7.62 5.63 -12.28
N GLY A 258 -8.19 6.19 -11.22
CA GLY A 258 -8.18 5.47 -9.96
C GLY A 258 -8.68 6.16 -8.72
N ILE A 259 -8.91 5.35 -7.69
CA ILE A 259 -9.38 5.84 -6.40
C ILE A 259 -8.47 5.24 -5.35
N GLU A 260 -8.02 6.07 -4.42
CA GLU A 260 -7.24 5.59 -3.27
CA GLU A 260 -7.28 5.55 -3.27
C GLU A 260 -7.81 6.19 -2.00
N VAL A 261 -7.95 5.40 -0.95
CA VAL A 261 -8.58 5.89 0.26
C VAL A 261 -7.92 5.31 1.50
N LYS A 262 -7.84 6.14 2.54
N LYS A 262 -7.87 6.12 2.56
CA LYS A 262 -7.30 5.75 3.82
CA LYS A 262 -7.27 5.71 3.82
C LYS A 262 -8.25 6.21 4.92
C LYS A 262 -8.06 6.27 5.01
N VAL A 263 -8.41 5.39 5.95
CA VAL A 263 -9.16 5.76 7.15
C VAL A 263 -8.43 5.22 8.38
N ASP A 264 -8.27 6.06 9.40
N ASP A 264 -8.30 6.07 9.40
CA ASP A 264 -7.69 5.65 10.67
CA ASP A 264 -7.67 5.71 10.67
C ASP A 264 -8.45 6.30 11.81
C ASP A 264 -8.48 6.31 11.81
N GLY A 265 -8.90 5.49 12.76
CA GLY A 265 -9.66 6.01 13.87
C GLY A 265 -9.56 5.23 15.16
N ASN A 266 -9.96 5.88 16.24
CA ASN A 266 -10.03 5.29 17.56
C ASN A 266 -11.26 5.86 18.23
N LEU A 267 -12.22 5.00 18.56
CA LEU A 267 -13.53 5.48 18.99
C LEU A 267 -14.34 4.39 19.69
N PRO A 268 -15.28 4.82 20.55
CA PRO A 268 -16.17 3.87 21.23
C PRO A 268 -17.29 3.44 20.30
N GLY A 269 -17.96 2.33 20.62
CA GLY A 269 -19.09 1.88 19.85
C GLY A 269 -18.74 0.84 18.80
N VAL A 270 -17.48 0.43 18.73
CA VAL A 270 -17.07 -0.56 17.75
C VAL A 270 -17.56 -1.96 18.12
N SER A 271 -17.61 -2.26 19.42
CA SER A 271 -18.22 -3.52 19.85
C SER A 271 -19.47 -3.21 20.69
N ARG A 272 -20.36 -4.19 20.81
CA ARG A 272 -21.59 -4.03 21.58
C ARG A 272 -21.95 -5.29 22.32
N ASP A 273 -22.64 -5.14 23.44
CA ASP A 273 -23.14 -6.30 24.16
C ASP A 273 -24.15 -7.03 23.29
N ALA A 274 -24.01 -8.34 23.17
CA ALA A 274 -24.92 -9.10 22.32
C ALA A 274 -25.84 -9.96 23.17
N GLY A 275 -25.73 -9.82 24.48
CA GLY A 275 -26.54 -10.58 25.40
C GLY A 275 -25.87 -11.88 25.82
N GLY A 276 -26.07 -12.26 27.07
CA GLY A 276 -25.61 -13.54 27.58
C GLY A 276 -24.10 -13.70 27.59
N GLY A 277 -23.39 -12.61 27.86
CA GLY A 277 -21.95 -12.66 27.99
C GLY A 277 -21.20 -12.52 26.68
N LEU A 278 -21.92 -12.48 25.56
CA LEU A 278 -21.29 -12.35 24.27
C LEU A 278 -21.23 -10.89 23.84
N ARG A 279 -20.24 -10.56 23.01
CA ARG A 279 -20.18 -9.24 22.39
C ARG A 279 -20.11 -9.41 20.88
N ARG A 280 -20.49 -8.37 20.16
N ARG A 280 -20.55 -8.39 20.16
CA ARG A 280 -20.38 -8.43 18.74
CA ARG A 280 -20.48 -8.38 18.73
C ARG A 280 -19.75 -7.18 18.21
C ARG A 280 -19.70 -7.19 18.24
N ILE A 281 -19.17 -7.27 17.03
CA ILE A 281 -18.80 -6.06 16.31
C ILE A 281 -20.15 -5.41 15.96
N LEU A 282 -20.26 -4.07 16.04
CA LEU A 282 -21.56 -3.44 15.83
C LEU A 282 -22.17 -3.81 14.47
N ASN A 283 -23.48 -3.93 14.40
CA ASN A 283 -24.13 -4.23 13.14
C ASN A 283 -23.71 -3.19 12.11
N HIS A 284 -23.49 -3.64 10.90
CA HIS A 284 -23.09 -2.75 9.86
C HIS A 284 -24.16 -1.71 9.56
N PRO A 285 -23.76 -0.40 9.57
CA PRO A 285 -24.78 0.58 9.20
C PRO A 285 -25.17 0.38 7.73
N LEU A 286 -26.44 0.56 7.40
CA LEU A 286 -26.96 0.30 6.07
C LEU A 286 -26.85 1.41 5.01
N ILE A 287 -27.03 2.63 5.45
CA ILE A 287 -26.98 3.75 4.52
C ILE A 287 -25.69 3.80 3.72
N PRO A 288 -24.57 3.64 4.38
CA PRO A 288 -23.33 3.70 3.59
C PRO A 288 -23.29 2.65 2.49
N LEU A 289 -23.78 1.46 2.78
CA LEU A 289 -23.76 0.39 1.79
C LEU A 289 -24.72 0.67 0.62
N VAL A 290 -25.91 1.11 0.96
CA VAL A 290 -26.93 1.44 -0.02
C VAL A 290 -26.50 2.59 -0.91
N HIS A 291 -26.00 3.64 -0.30
CA HIS A 291 -25.54 4.79 -1.06
C HIS A 291 -24.31 4.51 -1.92
N HIS A 292 -23.32 3.86 -1.34
CA HIS A 292 -22.11 3.54 -2.08
C HIS A 292 -22.49 2.59 -3.22
N GLY A 293 -23.52 1.83 -2.95
CA GLY A 293 -24.02 0.90 -3.92
C GLY A 293 -24.44 1.58 -5.21
N MET A 294 -24.74 2.86 -5.13
CA MET A 294 -25.16 3.59 -6.32
C MET A 294 -23.98 3.90 -7.28
N VAL A 295 -22.77 3.72 -6.79
CA VAL A 295 -21.58 3.95 -7.58
C VAL A 295 -20.68 2.70 -7.70
N GLY A 296 -21.00 1.66 -6.96
CA GLY A 296 -20.11 0.52 -6.91
C GLY A 296 -20.29 -0.52 -8.01
N LYS A 297 -21.19 -0.27 -8.95
CA LYS A 297 -21.47 -1.23 -10.02
C LYS A 297 -21.03 -0.81 -11.44
N PHE A 298 -20.16 0.18 -11.56
CA PHE A 298 -19.82 0.71 -12.88
C PHE A 298 -18.63 0.04 -13.56
N ASN A 299 -17.85 -0.76 -12.83
CA ASN A 299 -16.75 -1.51 -13.44
C ASN A 299 -16.61 -2.88 -12.81
N ASP A 300 -16.36 -3.90 -13.62
CA ASP A 300 -16.06 -5.23 -13.07
C ASP A 300 -14.75 -5.18 -12.32
N PHE A 301 -14.66 -5.94 -11.23
CA PHE A 301 -13.42 -5.99 -10.46
C PHE A 301 -13.28 -7.33 -9.78
N THR A 302 -12.03 -7.68 -9.48
N THR A 302 -12.04 -7.71 -9.49
CA THR A 302 -11.69 -8.81 -8.65
CA THR A 302 -11.81 -8.83 -8.60
C THR A 302 -11.28 -8.29 -7.27
C THR A 302 -11.29 -8.29 -7.28
N VAL A 303 -11.50 -9.08 -6.23
CA VAL A 303 -11.20 -8.65 -4.87
C VAL A 303 -9.89 -9.23 -4.35
N ASP A 304 -9.03 -8.35 -3.84
CA ASP A 304 -7.80 -8.72 -3.13
C ASP A 304 -7.86 -8.06 -1.77
N THR A 305 -8.46 -8.73 -0.80
N THR A 305 -8.42 -8.76 -0.79
CA THR A 305 -8.85 -8.09 0.45
CA THR A 305 -8.74 -8.14 0.49
C THR A 305 -8.60 -8.96 1.67
C THR A 305 -8.28 -8.97 1.68
N GLN A 306 -8.03 -8.35 2.70
N GLN A 306 -8.12 -8.30 2.81
CA GLN A 306 -7.84 -9.01 3.99
CA GLN A 306 -7.69 -8.93 4.05
C GLN A 306 -8.48 -8.18 5.09
C GLN A 306 -8.29 -8.17 5.23
N LEU A 307 -8.98 -8.88 6.11
CA LEU A 307 -9.48 -8.26 7.33
C LEU A 307 -8.75 -8.89 8.51
N LYS A 308 -8.26 -8.06 9.42
CA LYS A 308 -7.60 -8.56 10.63
C LYS A 308 -8.36 -8.01 11.82
N ILE A 309 -8.78 -8.90 12.72
CA ILE A 309 -9.40 -8.48 13.98
C ILE A 309 -8.56 -8.99 15.13
N VAL A 310 -8.16 -8.08 16.00
CA VAL A 310 -7.36 -8.43 17.17
C VAL A 310 -8.24 -8.24 18.40
N LEU A 311 -8.58 -9.36 19.03
CA LEU A 311 -9.41 -9.36 20.24
C LEU A 311 -8.57 -9.02 21.47
N PRO A 312 -9.24 -8.62 22.57
CA PRO A 312 -8.50 -8.43 23.83
C PRO A 312 -7.91 -9.75 24.30
N LYS A 313 -6.84 -9.70 25.07
CA LYS A 313 -6.16 -10.91 25.49
C LYS A 313 -7.12 -11.84 26.24
N GLY A 314 -7.11 -13.11 25.86
CA GLY A 314 -7.95 -14.10 26.54
C GLY A 314 -9.33 -14.29 25.91
N TYR A 315 -9.71 -13.40 25.00
CA TYR A 315 -10.99 -13.53 24.32
C TYR A 315 -10.87 -14.42 23.09
N LYS A 316 -12.00 -14.98 22.65
CA LYS A 316 -12.03 -15.89 21.53
C LYS A 316 -13.28 -15.63 20.72
N ILE A 317 -13.19 -15.82 19.41
CA ILE A 317 -14.38 -15.72 18.58
CA ILE A 317 -14.36 -15.75 18.54
C ILE A 317 -15.25 -16.94 18.82
N ARG A 318 -16.54 -16.69 19.06
CA ARG A 318 -17.52 -17.73 19.36
CA ARG A 318 -17.51 -17.73 19.36
C ARG A 318 -18.30 -18.10 18.10
N TYR A 319 -18.48 -17.11 17.23
CA TYR A 319 -19.23 -17.29 15.99
C TYR A 319 -18.76 -16.27 14.98
N ALA A 320 -18.48 -16.73 13.77
CA ALA A 320 -18.26 -15.80 12.66
C ALA A 320 -18.75 -16.45 11.37
N ALA A 321 -19.52 -15.68 10.60
CA ALA A 321 -19.96 -16.14 9.30
C ALA A 321 -20.01 -14.92 8.37
N PRO A 322 -19.19 -14.90 7.32
CA PRO A 322 -18.22 -15.92 6.88
C PRO A 322 -17.13 -16.22 7.92
N GLN A 323 -16.67 -17.47 7.93
N GLN A 323 -16.67 -17.47 7.94
CA GLN A 323 -15.63 -17.92 8.83
CA GLN A 323 -15.66 -17.91 8.90
C GLN A 323 -14.30 -17.23 8.58
C GLN A 323 -14.27 -17.33 8.59
N PHE A 324 -13.48 -17.08 9.63
CA PHE A 324 -12.12 -16.61 9.47
C PHE A 324 -11.26 -17.66 8.78
N ARG A 325 -10.20 -17.20 8.13
CA ARG A 325 -9.28 -18.09 7.42
CA ARG A 325 -9.27 -18.08 7.41
C ARG A 325 -8.21 -18.64 8.35
N SER A 326 -7.74 -17.81 9.27
CA SER A 326 -6.70 -18.26 10.19
C SER A 326 -6.80 -17.59 11.55
N GLN A 327 -6.21 -18.23 12.54
CA GLN A 327 -6.16 -17.68 13.88
C GLN A 327 -4.75 -17.83 14.45
N ASN A 328 -4.28 -16.79 15.10
CA ASN A 328 -3.06 -16.88 15.91
C ASN A 328 -3.35 -16.25 17.26
N LEU A 329 -3.68 -17.10 18.24
CA LEU A 329 -4.16 -16.66 19.55
C LEU A 329 -5.33 -15.68 19.37
N GLU A 330 -5.16 -14.43 19.83
N GLU A 330 -5.16 -14.42 19.82
CA GLU A 330 -6.25 -13.45 19.77
CA GLU A 330 -6.26 -13.45 19.76
C GLU A 330 -6.41 -12.79 18.41
C GLU A 330 -6.34 -12.70 18.44
N GLU A 331 -5.50 -13.08 17.48
CA GLU A 331 -5.54 -12.44 16.17
C GLU A 331 -6.21 -13.34 15.13
N TYR A 332 -7.25 -12.80 14.47
CA TYR A 332 -8.01 -13.54 13.48
C TYR A 332 -7.95 -12.85 12.13
N ARG A 333 -7.83 -13.63 11.05
CA ARG A 333 -7.73 -13.05 9.72
C ARG A 333 -8.74 -13.66 8.75
N TRP A 334 -9.34 -12.80 7.92
CA TRP A 334 -10.26 -13.20 6.86
C TRP A 334 -9.64 -12.83 5.52
N SER A 335 -9.69 -13.74 4.55
CA SER A 335 -9.34 -13.43 3.17
C SER A 335 -9.83 -14.52 2.23
N GLY A 336 -10.16 -14.14 1.01
CA GLY A 336 -10.54 -15.11 0.00
C GLY A 336 -11.85 -15.81 0.29
N GLY A 337 -12.21 -16.74 -0.58
CA GLY A 337 -13.37 -17.57 -0.36
C GLY A 337 -14.66 -16.81 -0.10
N ALA A 338 -15.40 -17.24 0.91
CA ALA A 338 -16.68 -16.65 1.19
C ALA A 338 -16.53 -15.19 1.61
N TYR A 339 -15.42 -14.85 2.26
CA TYR A 339 -15.26 -13.46 2.71
C TYR A 339 -15.05 -12.51 1.54
N ALA A 340 -14.25 -12.93 0.56
CA ALA A 340 -14.04 -12.16 -0.66
C ALA A 340 -15.37 -11.93 -1.40
N ARG A 341 -16.25 -12.93 -1.39
N ARG A 341 -16.26 -12.93 -1.40
CA ARG A 341 -17.54 -12.78 -2.06
CA ARG A 341 -17.53 -12.76 -2.07
C ARG A 341 -18.41 -11.79 -1.31
C ARG A 341 -18.42 -11.78 -1.30
N TRP A 342 -18.30 -11.82 0.02
CA TRP A 342 -19.03 -10.86 0.84
C TRP A 342 -18.49 -9.43 0.61
N VAL A 343 -17.18 -9.27 0.47
CA VAL A 343 -16.63 -7.94 0.21
C VAL A 343 -17.16 -7.40 -1.12
N GLU A 344 -17.15 -8.24 -2.16
CA GLU A 344 -17.70 -7.84 -3.45
C GLU A 344 -19.16 -7.39 -3.30
N HIS A 345 -19.94 -8.22 -2.62
CA HIS A 345 -21.35 -7.96 -2.33
C HIS A 345 -21.60 -6.58 -1.68
N VAL A 346 -20.90 -6.25 -0.60
CA VAL A 346 -21.19 -4.98 0.07
C VAL A 346 -20.64 -3.79 -0.72
N CYS A 347 -19.58 -3.99 -1.51
CA CYS A 347 -19.06 -2.88 -2.31
C CYS A 347 -20.04 -2.48 -3.41
N LYS A 348 -20.90 -3.42 -3.81
CA LYS A 348 -21.88 -3.17 -4.86
C LYS A 348 -23.26 -2.78 -4.35
N GLY A 349 -23.42 -2.68 -3.02
CA GLY A 349 -24.67 -2.24 -2.43
C GLY A 349 -25.42 -3.30 -1.62
N GLY A 350 -24.83 -4.49 -1.48
CA GLY A 350 -25.48 -5.55 -0.72
C GLY A 350 -25.44 -5.34 0.78
N THR A 351 -26.46 -5.82 1.49
CA THR A 351 -26.52 -5.62 2.93
C THR A 351 -26.56 -6.95 3.71
N GLY A 352 -26.09 -8.03 3.08
CA GLY A 352 -26.01 -9.32 3.73
C GLY A 352 -25.21 -9.28 5.03
N GLN A 353 -25.71 -9.93 6.07
CA GLN A 353 -25.05 -9.90 7.38
C GLN A 353 -23.73 -10.67 7.44
N PHE A 354 -22.70 -10.00 7.95
CA PHE A 354 -21.43 -10.61 8.38
C PHE A 354 -21.37 -10.40 9.89
N GLU A 355 -21.69 -11.45 10.64
CA GLU A 355 -21.73 -11.34 12.09
C GLU A 355 -20.47 -11.93 12.72
N VAL A 356 -19.94 -11.21 13.69
CA VAL A 356 -18.80 -11.67 14.48
C VAL A 356 -19.16 -11.58 15.95
N LEU A 357 -19.20 -12.73 16.62
CA LEU A 357 -19.48 -12.80 18.05
C LEU A 357 -18.27 -13.32 18.79
N TYR A 358 -17.93 -12.68 19.92
CA TYR A 358 -16.77 -13.10 20.67
C TYR A 358 -17.02 -12.99 22.18
N ALA A 359 -16.22 -13.71 22.97
CA ALA A 359 -16.39 -13.74 24.42
C ALA A 359 -15.14 -14.28 25.12
N GLN A 360 -15.16 -14.31 26.45
CA GLN A 360 -14.07 -14.95 27.19
C GLN A 360 -14.26 -16.46 27.27
C ASP B 1 6.92 20.41 -10.66
N THR B 2 6.95 20.20 -9.34
CA THR B 2 8.14 19.73 -8.66
C THR B 2 8.48 18.30 -9.05
N THR B 3 9.74 17.91 -8.85
CA THR B 3 10.15 16.54 -9.11
C THR B 3 10.08 15.74 -7.82
N THR B 4 9.19 14.76 -7.79
CA THR B 4 8.97 13.99 -6.57
C THR B 4 9.16 12.52 -6.86
N ALA B 5 9.94 11.85 -6.02
CA ALA B 5 10.00 10.40 -6.10
C ALA B 5 9.02 9.82 -5.09
N HIS B 6 8.05 9.05 -5.59
CA HIS B 6 7.08 8.39 -4.72
C HIS B 6 7.46 6.93 -4.61
N SER B 7 7.62 6.42 -3.39
CA SER B 7 7.93 5.00 -3.26
C SER B 7 7.35 4.41 -1.98
N ASP B 8 7.15 3.09 -2.02
CA ASP B 8 6.55 2.37 -0.91
CA ASP B 8 6.53 2.37 -0.92
C ASP B 8 7.17 0.98 -0.85
N TYR B 9 7.66 0.61 0.34
CA TYR B 9 8.28 -0.70 0.53
C TYR B 9 7.61 -1.43 1.67
N GLU B 10 7.46 -2.73 1.51
CA GLU B 10 6.84 -3.53 2.56
C GLU B 10 7.60 -4.84 2.72
N ILE B 11 7.92 -5.19 3.96
N ILE B 11 7.87 -5.20 3.97
CA ILE B 11 8.56 -6.47 4.27
CA ILE B 11 8.55 -6.43 4.33
C ILE B 11 7.72 -7.21 5.29
C ILE B 11 7.73 -7.21 5.34
N ILE B 12 7.36 -8.46 5.00
CA ILE B 12 6.59 -9.29 5.94
C ILE B 12 7.43 -10.51 6.31
N LEU B 13 7.82 -10.62 7.58
CA LEU B 13 8.78 -11.63 7.98
C LEU B 13 8.13 -12.88 8.56
N GLU B 14 8.72 -14.03 8.26
CA GLU B 14 8.37 -15.28 8.93
C GLU B 14 9.17 -15.38 10.25
N GLY B 15 8.66 -16.15 11.20
CA GLY B 15 9.28 -16.25 12.50
C GLY B 15 9.95 -17.60 12.71
N GLY B 16 10.29 -17.88 13.97
CA GLY B 16 10.94 -19.14 14.30
C GLY B 16 12.35 -19.14 13.75
N SER B 17 12.73 -20.24 13.10
CA SER B 17 14.07 -20.36 12.56
C SER B 17 14.09 -19.94 11.10
N SER B 18 12.98 -19.41 10.63
CA SER B 18 12.88 -19.06 9.22
C SER B 18 13.55 -17.75 8.91
N SER B 19 14.15 -17.68 7.74
CA SER B 19 14.78 -16.46 7.28
C SER B 19 13.93 -15.83 6.18
N TRP B 20 12.78 -16.43 5.90
CA TRP B 20 11.98 -15.99 4.78
C TRP B 20 11.28 -14.66 5.02
N GLY B 21 11.07 -13.92 3.95
CA GLY B 21 10.19 -12.79 4.00
C GLY B 21 9.54 -12.50 2.67
N GLN B 22 8.39 -11.85 2.71
N GLN B 22 8.39 -11.83 2.72
CA GLN B 22 7.77 -11.30 1.52
CA GLN B 22 7.76 -11.29 1.52
C GLN B 22 8.26 -9.87 1.36
C GLN B 22 8.20 -9.85 1.35
N VAL B 23 8.64 -9.52 0.15
CA VAL B 23 9.13 -8.17 -0.15
CA VAL B 23 9.14 -8.18 -0.15
C VAL B 23 8.29 -7.55 -1.25
N LYS B 24 7.90 -6.30 -1.04
N LYS B 24 7.95 -6.28 -1.08
CA LYS B 24 7.16 -5.56 -2.04
CA LYS B 24 7.10 -5.58 -2.05
C LYS B 24 7.85 -4.22 -2.19
C LYS B 24 7.57 -4.13 -2.19
N GLY B 25 7.88 -3.72 -3.41
CA GLY B 25 8.45 -2.41 -3.66
C GLY B 25 7.74 -1.77 -4.84
N ARG B 26 7.44 -0.49 -4.70
N ARG B 26 7.44 -0.49 -4.73
CA ARG B 26 6.86 0.32 -5.77
CA ARG B 26 6.94 0.25 -5.89
C ARG B 26 7.60 1.65 -5.81
C ARG B 26 7.47 1.67 -5.84
N ALA B 27 7.84 2.19 -7.01
CA ALA B 27 8.40 3.51 -7.11
C ALA B 27 7.93 4.17 -8.40
N LYS B 28 7.69 5.48 -8.35
CA LYS B 28 7.40 6.25 -9.55
C LYS B 28 8.09 7.60 -9.41
N VAL B 29 8.83 8.00 -10.44
CA VAL B 29 9.48 9.31 -10.39
C VAL B 29 9.43 9.92 -11.79
N ASN B 30 9.11 11.21 -11.85
N ASN B 30 9.07 11.19 -11.87
CA ASN B 30 8.94 11.90 -13.12
CA ASN B 30 8.92 11.83 -13.18
C ASN B 30 10.22 12.53 -13.64
C ASN B 30 10.22 12.51 -13.61
N VAL B 31 11.23 11.69 -13.88
CA VAL B 31 12.48 12.15 -14.47
C VAL B 31 12.78 11.26 -15.65
N PRO B 32 13.59 11.74 -16.62
CA PRO B 32 14.01 10.84 -17.70
C PRO B 32 14.94 9.73 -17.21
N ALA B 33 14.80 8.53 -17.78
CA ALA B 33 15.81 7.50 -17.60
C ALA B 33 17.04 7.87 -18.42
N ALA B 34 18.17 7.29 -18.08
CA ALA B 34 19.45 7.64 -18.72
C ALA B 34 19.75 6.79 -19.97
N ILE B 35 18.84 5.87 -20.29
N ILE B 35 18.85 5.86 -20.29
CA ILE B 35 19.04 4.99 -21.46
CA ILE B 35 19.07 4.97 -21.45
C ILE B 35 19.01 5.81 -22.74
C ILE B 35 18.99 5.78 -22.75
N PRO B 36 20.00 5.63 -23.63
CA PRO B 36 20.01 6.46 -24.85
C PRO B 36 19.05 5.97 -25.95
N LEU B 37 18.22 4.99 -25.61
CA LEU B 37 17.11 4.58 -26.44
C LEU B 37 15.91 4.49 -25.53
N LEU B 38 14.86 5.23 -25.86
CA LEU B 38 13.64 5.27 -25.06
C LEU B 38 12.43 5.29 -26.00
N PRO B 39 11.30 4.69 -25.59
CA PRO B 39 11.05 4.05 -24.28
C PRO B 39 11.75 2.71 -24.16
N THR B 40 11.99 2.31 -22.91
CA THR B 40 12.50 1.00 -22.58
C THR B 40 11.66 0.39 -21.46
N ASP B 41 11.09 -0.79 -21.69
CA ASP B 41 10.37 -1.53 -20.65
C ASP B 41 10.97 -2.90 -20.44
N CYS B 42 10.82 -3.44 -19.25
CA CYS B 42 11.43 -4.72 -18.95
C CYS B 42 10.70 -5.44 -17.84
N ASN B 43 10.53 -6.75 -18.00
CA ASN B 43 10.00 -7.57 -16.92
CA ASN B 43 9.98 -7.58 -16.95
C ASN B 43 10.94 -8.73 -16.64
N ILE B 44 11.07 -9.08 -15.37
CA ILE B 44 11.92 -10.21 -15.02
C ILE B 44 11.21 -11.09 -13.99
N ARG B 45 11.35 -12.41 -14.16
N ARG B 45 11.34 -12.40 -14.18
CA ARG B 45 10.78 -13.38 -13.22
CA ARG B 45 9.87 -14.73 -14.51
CA ARG B 45 10.82 -13.36 -13.22
C ARG B 45 11.84 -14.41 -12.85
C ARG B 45 11.93 -14.33 -12.84
N ILE B 46 12.09 -14.59 -11.56
CA ILE B 46 13.06 -15.56 -11.10
C ILE B 46 12.39 -16.50 -10.12
N ASP B 47 12.60 -17.80 -10.34
CA ASP B 47 12.04 -18.87 -9.50
C ASP B 47 13.15 -19.81 -9.07
N ALA B 48 13.02 -20.38 -7.87
CA ALA B 48 13.95 -21.41 -7.43
C ALA B 48 13.18 -22.45 -6.64
N LYS B 49 13.46 -23.72 -6.87
CA LYS B 49 12.81 -24.78 -6.11
C LYS B 49 13.79 -25.91 -5.87
N PRO B 50 13.60 -26.67 -4.80
CA PRO B 50 14.54 -27.78 -4.60
C PRO B 50 14.37 -28.84 -5.68
N LEU B 51 15.47 -29.43 -6.11
CA LEU B 51 15.43 -30.47 -7.13
C LEU B 51 15.84 -31.80 -6.55
N ASP B 52 17.02 -31.83 -5.95
CA ASP B 52 17.48 -32.98 -5.18
C ASP B 52 17.88 -32.47 -3.81
N ALA B 53 16.97 -32.58 -2.85
CA ALA B 53 17.15 -31.94 -1.57
C ALA B 53 18.24 -32.60 -0.75
N GLN B 54 18.54 -33.86 -1.04
CA GLN B 54 19.59 -34.55 -0.31
C GLN B 54 20.97 -34.08 -0.76
N LYS B 55 21.12 -33.83 -2.06
CA LYS B 55 22.38 -33.37 -2.62
C LYS B 55 22.49 -31.85 -2.58
N GLY B 56 21.37 -31.17 -2.33
CA GLY B 56 21.38 -29.72 -2.27
C GLY B 56 21.35 -29.07 -3.64
N VAL B 57 20.73 -29.74 -4.61
CA VAL B 57 20.58 -29.19 -5.96
C VAL B 57 19.29 -28.38 -6.05
N VAL B 58 19.41 -27.17 -6.57
CA VAL B 58 18.31 -26.23 -6.76
C VAL B 58 18.03 -26.03 -8.24
N ARG B 59 16.75 -26.05 -8.64
CA ARG B 59 16.42 -25.64 -10.01
C ARG B 59 16.04 -24.17 -10.02
N PHE B 60 16.83 -23.40 -10.76
CA PHE B 60 16.78 -21.94 -10.80
C PHE B 60 16.35 -21.55 -12.21
N THR B 61 15.30 -20.73 -12.31
N THR B 61 15.27 -20.77 -12.31
CA THR B 61 14.75 -20.37 -13.62
CA THR B 61 14.82 -20.32 -13.61
C THR B 61 14.51 -18.87 -13.74
C THR B 61 14.73 -18.80 -13.65
N THR B 62 14.98 -18.26 -14.83
CA THR B 62 14.76 -16.84 -15.02
CA THR B 62 14.89 -16.82 -15.07
C THR B 62 14.23 -16.56 -16.42
N LYS B 63 13.27 -15.65 -16.46
CA LYS B 63 12.66 -15.23 -17.71
C LYS B 63 12.74 -13.71 -17.73
N ILE B 64 13.30 -13.17 -18.80
CA ILE B 64 13.40 -11.74 -18.99
C ILE B 64 12.77 -11.38 -20.32
N GLU B 65 11.92 -10.35 -20.31
CA GLU B 65 11.31 -9.83 -21.52
CA GLU B 65 11.34 -9.81 -21.53
C GLU B 65 11.47 -8.31 -21.51
N SER B 66 12.00 -7.74 -22.60
CA SER B 66 12.15 -6.31 -22.65
C SER B 66 11.76 -5.77 -24.01
N VAL B 67 11.44 -4.47 -24.04
N VAL B 67 11.43 -4.48 -24.06
CA VAL B 67 11.22 -3.78 -25.30
CA VAL B 67 11.23 -3.79 -25.31
C VAL B 67 12.07 -2.53 -25.26
C VAL B 67 12.04 -2.50 -25.29
N VAL B 68 12.92 -2.37 -26.27
CA VAL B 68 13.84 -1.23 -26.32
C VAL B 68 13.70 -0.55 -27.67
N ASP B 69 13.18 0.68 -27.69
CA ASP B 69 12.92 1.37 -28.95
C ASP B 69 12.13 0.49 -29.92
N SER B 70 11.12 -0.16 -29.36
CA SER B 70 10.15 -1.00 -30.09
CA SER B 70 10.14 -1.00 -30.05
C SER B 70 10.66 -2.39 -30.46
N VAL B 71 11.89 -2.72 -30.11
CA VAL B 71 12.41 -4.05 -30.43
C VAL B 71 12.21 -4.98 -29.24
N LYS B 72 11.62 -6.16 -29.47
N LYS B 72 11.57 -6.13 -29.45
CA LYS B 72 11.33 -7.10 -28.40
CA LYS B 72 11.35 -7.05 -28.35
C LYS B 72 12.44 -8.14 -28.16
C LYS B 72 12.55 -7.97 -28.17
N ASN B 73 12.91 -8.22 -26.91
CA ASN B 73 13.98 -9.11 -26.55
C ASN B 73 13.49 -10.10 -25.49
N THR B 74 13.98 -11.33 -25.54
CA THR B 74 13.69 -12.27 -24.45
C THR B 74 14.93 -13.07 -24.08
N LEU B 75 14.95 -13.54 -22.85
CA LEU B 75 15.98 -14.44 -22.38
C LEU B 75 15.35 -15.41 -21.43
N ASN B 76 15.56 -16.69 -21.65
CA ASN B 76 15.07 -17.74 -20.75
CA ASN B 76 15.09 -17.69 -20.70
C ASN B 76 16.24 -18.62 -20.35
N VAL B 77 16.39 -18.91 -19.07
CA VAL B 77 17.45 -19.79 -18.62
C VAL B 77 16.89 -20.70 -17.53
N GLU B 78 17.22 -21.99 -17.63
N GLU B 78 17.23 -21.99 -17.62
CA GLU B 78 16.88 -22.94 -16.58
CA GLU B 78 16.90 -22.97 -16.59
C GLU B 78 18.21 -23.57 -16.16
C GLU B 78 18.17 -23.68 -16.15
N VAL B 79 18.52 -23.55 -14.87
CA VAL B 79 19.82 -24.05 -14.43
CA VAL B 79 19.83 -23.99 -14.37
C VAL B 79 19.72 -24.82 -13.10
N ASP B 80 20.48 -25.91 -13.01
CA ASP B 80 20.56 -26.68 -11.78
C ASP B 80 21.85 -26.30 -11.08
N ILE B 81 21.73 -25.81 -9.86
CA ILE B 81 22.86 -25.26 -9.10
C ILE B 81 23.05 -26.00 -7.78
N ALA B 82 24.31 -26.29 -7.44
CA ALA B 82 24.62 -26.95 -6.17
C ALA B 82 26.00 -26.56 -5.68
N ASN B 83 26.12 -26.45 -4.35
CA ASN B 83 27.44 -26.37 -3.73
C ASN B 83 28.15 -27.70 -3.80
N GLU B 84 29.40 -27.71 -4.23
CA GLU B 84 30.22 -28.91 -4.13
CA GLU B 84 30.20 -28.92 -4.11
C GLU B 84 30.94 -28.87 -2.79
N THR B 85 31.55 -27.72 -2.49
CA THR B 85 32.19 -27.45 -1.20
C THR B 85 31.75 -26.06 -0.76
N LYS B 86 32.27 -25.58 0.37
CA LYS B 86 31.96 -24.23 0.80
C LYS B 86 32.51 -23.20 -0.18
N ASP B 87 33.53 -23.59 -0.94
CA ASP B 87 34.18 -22.65 -1.87
C ASP B 87 33.77 -22.84 -3.34
N ARG B 88 33.36 -24.05 -3.70
CA ARG B 88 33.08 -24.37 -5.10
C ARG B 88 31.62 -24.69 -5.35
N ARG B 89 31.07 -24.07 -6.38
CA ARG B 89 29.68 -24.24 -6.75
C ARG B 89 29.63 -24.70 -8.20
N ILE B 90 28.65 -25.53 -8.54
CA ILE B 90 28.54 -26.01 -9.92
CA ILE B 90 28.53 -26.06 -9.91
C ILE B 90 27.14 -25.77 -10.49
N ALA B 91 27.08 -25.55 -11.81
CA ALA B 91 25.84 -25.23 -12.47
C ALA B 91 25.78 -25.91 -13.81
N VAL B 92 24.61 -26.45 -14.14
N VAL B 92 24.62 -26.48 -14.13
CA VAL B 92 24.38 -27.07 -15.45
CA VAL B 92 24.39 -27.02 -15.45
C VAL B 92 23.03 -26.59 -15.95
C VAL B 92 23.07 -26.43 -15.89
N GLY B 93 22.99 -25.98 -17.12
CA GLY B 93 21.75 -25.39 -17.60
C GLY B 93 21.62 -25.22 -19.08
N GLU B 94 20.50 -24.62 -19.47
CA GLU B 94 20.22 -24.37 -20.88
C GLU B 94 19.26 -23.22 -21.00
N GLY B 95 19.18 -22.64 -22.19
CA GLY B 95 18.24 -21.55 -22.37
C GLY B 95 18.23 -21.09 -23.79
N SER B 96 17.60 -19.96 -24.01
CA SER B 96 17.51 -19.38 -25.30
C SER B 96 17.32 -17.89 -25.19
N LEU B 97 17.59 -17.19 -26.26
CA LEU B 97 17.40 -15.75 -26.31
C LEU B 97 16.87 -15.33 -27.68
N SER B 98 16.22 -14.19 -27.70
CA SER B 98 15.70 -13.69 -28.94
C SER B 98 15.73 -12.18 -28.98
N VAL B 99 15.98 -11.66 -30.18
CA VAL B 99 15.99 -10.24 -30.44
C VAL B 99 15.34 -10.08 -31.79
N GLY B 100 14.20 -9.46 -31.83
CA GLY B 100 13.46 -9.31 -33.05
C GLY B 100 13.24 -10.63 -33.77
N ASP B 101 13.70 -10.72 -34.99
CA ASP B 101 13.54 -11.93 -35.79
C ASP B 101 14.60 -13.00 -35.54
N PHE B 102 15.52 -12.72 -34.64
CA PHE B 102 16.60 -13.61 -34.36
C PHE B 102 16.54 -14.32 -33.00
N SER B 103 16.97 -15.56 -33.00
CA SER B 103 17.02 -16.32 -31.80
C SER B 103 18.08 -17.38 -31.84
N HIS B 104 18.65 -17.70 -30.69
CA HIS B 104 19.59 -18.80 -30.59
C HIS B 104 19.48 -19.47 -29.25
N SER B 105 19.87 -20.72 -29.17
CA SER B 105 19.80 -21.44 -27.92
C SER B 105 21.20 -21.74 -27.39
N PHE B 106 21.28 -22.29 -26.19
CA PHE B 106 22.57 -22.61 -25.60
C PHE B 106 22.40 -23.60 -24.47
N SER B 107 23.47 -24.33 -24.19
CA SER B 107 23.51 -25.16 -22.99
C SER B 107 24.90 -24.98 -22.39
N PHE B 108 25.05 -25.25 -21.11
CA PHE B 108 26.34 -24.97 -20.49
C PHE B 108 26.53 -25.78 -19.23
N GLU B 109 27.80 -25.95 -18.86
CA GLU B 109 28.19 -26.49 -17.56
C GLU B 109 29.27 -25.57 -17.05
N GLY B 110 29.25 -25.24 -15.77
CA GLY B 110 30.27 -24.33 -15.26
C GLY B 110 30.53 -24.54 -13.80
N SER B 111 31.73 -24.19 -13.38
CA SER B 111 32.06 -24.21 -11.98
CA SER B 111 32.12 -24.23 -11.99
C SER B 111 32.59 -22.85 -11.61
N VAL B 112 32.33 -22.44 -10.36
CA VAL B 112 32.79 -21.16 -9.85
C VAL B 112 33.42 -21.44 -8.49
N VAL B 113 34.63 -20.93 -8.29
CA VAL B 113 35.34 -21.12 -7.04
C VAL B 113 35.58 -19.75 -6.41
N ASN B 114 35.12 -19.58 -5.18
CA ASN B 114 35.31 -18.32 -4.46
C ASN B 114 36.50 -18.42 -3.55
N MET B 115 37.39 -17.44 -3.60
CA MET B 115 38.57 -17.45 -2.72
CA MET B 115 38.57 -17.46 -2.73
C MET B 115 38.71 -16.14 -1.97
N TYR B 116 38.56 -16.18 -0.66
CA TYR B 116 38.88 -15.00 0.13
C TYR B 116 40.39 -14.86 0.26
N TYR B 117 40.85 -13.61 0.29
N TYR B 117 40.93 -13.65 0.19
CA TYR B 117 42.23 -13.26 0.58
CA TYR B 117 42.39 -13.50 0.20
C TYR B 117 42.51 -13.15 2.07
C TYR B 117 42.99 -13.86 1.56
N TYR B 118 43.35 -14.04 2.60
N TYR B 118 42.21 -13.75 2.62
CA TYR B 118 43.94 -13.84 3.92
CA TYR B 118 42.69 -14.12 3.95
C TYR B 118 42.94 -13.56 5.06
C TYR B 118 41.56 -14.69 4.79
N ARG B 119 41.97 -14.45 5.26
N ARG B 119 41.90 -15.44 5.82
CA ARG B 119 41.06 -14.32 6.41
CA ARG B 119 40.94 -15.74 6.87
C ARG B 119 41.75 -14.66 7.74
C ARG B 119 41.67 -15.50 8.18
N SER B 120 41.22 -14.15 8.84
N SER B 120 41.15 -14.59 8.99
CA SER B 120 41.86 -14.30 10.16
CA SER B 120 41.82 -14.25 10.23
C SER B 120 40.87 -14.37 11.34
C SER B 120 40.87 -14.32 11.39
N ASP B 121 41.18 -15.20 12.33
CA ASP B 121 40.36 -15.30 13.55
C ASP B 121 40.36 -13.99 14.33
N ALA B 122 41.43 -13.21 14.21
CA ALA B 122 41.49 -11.94 14.93
C ALA B 122 40.40 -11.00 14.41
N VAL B 123 40.12 -11.11 13.11
CA VAL B 123 39.04 -10.29 12.55
C VAL B 123 37.70 -10.92 12.93
N ARG B 124 37.58 -12.24 12.78
CA ARG B 124 36.34 -12.92 13.04
C ARG B 124 35.83 -12.73 14.47
N ARG B 125 36.70 -12.76 15.48
CA ARG B 125 36.14 -12.70 16.84
C ARG B 125 35.95 -11.26 17.33
N ASN B 126 36.55 -10.28 16.65
CA ASN B 126 36.47 -8.90 17.10
C ASN B 126 35.45 -8.02 16.37
N ILE B 127 35.08 -8.43 15.17
CA ILE B 127 34.15 -7.62 14.37
C ILE B 127 32.79 -8.31 14.32
N PRO B 128 31.77 -7.72 14.96
CA PRO B 128 30.49 -8.43 15.10
C PRO B 128 29.71 -8.52 13.79
N ASN B 129 29.91 -7.56 12.89
CA ASN B 129 29.16 -7.51 11.65
C ASN B 129 30.12 -7.03 10.56
N PRO B 130 30.92 -7.95 10.01
CA PRO B 130 31.92 -7.58 9.01
C PRO B 130 31.28 -7.29 7.66
N ILE B 131 31.79 -6.29 6.94
CA ILE B 131 31.22 -5.93 5.66
C ILE B 131 32.15 -6.19 4.48
N TYR B 132 33.24 -5.48 4.43
CA TYR B 132 34.16 -5.61 3.30
C TYR B 132 35.02 -6.85 3.42
N MET B 133 34.86 -7.80 2.49
N MET B 133 34.81 -7.79 2.49
CA MET B 133 35.73 -8.97 2.49
CA MET B 133 35.63 -8.98 2.39
C MET B 133 36.27 -9.17 1.08
C MET B 133 36.25 -9.02 0.99
N GLN B 134 37.57 -9.00 0.93
CA GLN B 134 38.25 -9.00 -0.37
C GLN B 134 38.46 -10.42 -0.87
N GLY B 135 38.39 -10.61 -2.18
CA GLY B 135 38.62 -11.96 -2.70
C GLY B 135 38.62 -11.98 -4.21
N ARG B 136 38.75 -13.18 -4.76
CA ARG B 136 38.78 -13.39 -6.20
C ARG B 136 37.97 -14.63 -6.47
N GLN B 137 37.30 -14.66 -7.62
CA GLN B 137 36.32 -15.69 -7.89
C GLN B 137 36.49 -16.22 -9.31
N PHE B 138 36.79 -17.52 -9.40
CA PHE B 138 37.13 -18.15 -10.64
C PHE B 138 36.04 -18.91 -11.35
N HIS B 139 35.88 -18.60 -12.63
CA HIS B 139 34.91 -19.23 -13.49
C HIS B 139 35.58 -20.15 -14.53
N ASP B 140 34.94 -21.29 -14.76
CA ASP B 140 35.39 -22.29 -15.72
C ASP B 140 34.11 -22.73 -16.36
N ILE B 141 33.97 -22.40 -17.63
CA ILE B 141 32.75 -22.60 -18.34
C ILE B 141 32.85 -23.38 -19.65
N LEU B 142 31.92 -24.31 -19.82
CA LEU B 142 31.83 -25.06 -21.08
C LEU B 142 30.48 -24.75 -21.67
N MET B 143 30.42 -24.17 -22.87
CA MET B 143 29.12 -23.83 -23.41
C MET B 143 28.99 -24.33 -24.83
N LYS B 144 27.76 -24.64 -25.21
CA LYS B 144 27.46 -25.25 -26.49
C LYS B 144 26.30 -24.52 -27.15
N VAL B 145 26.48 -24.14 -28.41
CA VAL B 145 25.43 -23.42 -29.13
C VAL B 145 25.28 -24.06 -30.50
N PRO B 146 24.07 -24.55 -30.82
CA PRO B 146 23.86 -25.10 -32.18
C PRO B 146 24.04 -23.99 -33.22
N LEU B 147 24.76 -24.27 -34.31
CA LEU B 147 24.98 -23.27 -35.33
C LEU B 147 23.89 -23.41 -36.39
N ASP B 148 22.65 -23.08 -36.02
CA ASP B 148 21.51 -23.51 -36.84
C ASP B 148 20.83 -22.37 -37.60
N ASN B 149 21.53 -21.25 -37.73
CA ASN B 149 21.12 -20.26 -38.72
C ASN B 149 22.35 -19.53 -39.24
N ASN B 150 22.19 -18.75 -40.30
N ASN B 150 22.17 -18.74 -40.29
CA ASN B 150 23.34 -18.16 -40.96
CA ASN B 150 23.28 -18.12 -40.97
C ASN B 150 24.05 -17.09 -40.10
C ASN B 150 24.03 -17.09 -40.12
N ASP B 151 23.29 -16.39 -39.25
CA ASP B 151 23.91 -15.39 -38.39
C ASP B 151 24.90 -16.06 -37.42
N LEU B 152 24.51 -17.21 -36.88
CA LEU B 152 25.40 -17.95 -35.96
C LEU B 152 26.67 -18.42 -36.67
N VAL B 153 26.49 -18.90 -37.89
CA VAL B 153 27.63 -19.36 -38.69
C VAL B 153 28.62 -18.21 -38.88
N ASP B 154 28.10 -17.05 -39.29
CA ASP B 154 28.94 -15.87 -39.49
C ASP B 154 29.71 -15.45 -38.25
N THR B 155 29.04 -15.48 -37.11
CA THR B 155 29.67 -15.00 -35.89
C THR B 155 30.72 -16.00 -35.39
N TRP B 156 30.45 -17.28 -35.56
CA TRP B 156 31.43 -18.31 -35.21
C TRP B 156 32.71 -18.10 -36.01
N GLU B 157 32.58 -17.90 -37.32
N GLU B 157 32.57 -17.91 -37.32
CA GLU B 157 33.71 -17.64 -38.19
CA GLU B 157 33.71 -17.64 -38.18
C GLU B 157 34.51 -16.41 -37.74
C GLU B 157 34.50 -16.43 -37.71
N GLY B 158 33.78 -15.35 -37.41
CA GLY B 158 34.41 -14.13 -36.94
C GLY B 158 35.21 -14.32 -35.67
N PHE B 159 34.67 -15.09 -34.72
CA PHE B 159 35.43 -15.32 -33.50
C PHE B 159 36.60 -16.28 -33.71
N GLN B 160 36.43 -17.29 -34.54
CA GLN B 160 37.52 -18.24 -34.79
C GLN B 160 38.72 -17.50 -35.38
N GLN B 161 38.44 -16.53 -36.24
CA GLN B 161 39.45 -15.67 -36.83
C GLN B 161 40.21 -14.87 -35.76
N SER B 162 39.45 -14.26 -34.86
CA SER B 162 40.03 -13.40 -33.84
C SER B 162 40.88 -14.17 -32.85
N ILE B 163 40.40 -15.34 -32.46
CA ILE B 163 41.12 -16.17 -31.49
C ILE B 163 42.46 -16.65 -32.04
N SER B 164 42.46 -17.18 -33.26
N SER B 164 42.45 -17.20 -33.25
CA SER B 164 43.68 -17.75 -33.83
CA SER B 164 43.66 -17.70 -33.89
C SER B 164 44.66 -16.68 -34.29
N GLY B 165 44.13 -15.51 -34.65
CA GLY B 165 44.98 -14.43 -35.13
C GLY B 165 45.18 -13.28 -34.17
N GLY B 166 44.47 -13.29 -33.05
CA GLY B 166 44.53 -12.17 -32.12
C GLY B 166 45.61 -12.32 -31.07
N GLY B 167 46.12 -13.54 -30.92
CA GLY B 167 47.15 -13.80 -29.94
C GLY B 167 46.67 -13.50 -28.53
N ALA B 168 47.57 -12.94 -27.73
CA ALA B 168 47.23 -12.63 -26.33
C ALA B 168 46.24 -11.48 -26.26
N ASN B 169 46.14 -10.73 -27.35
CA ASN B 169 45.25 -9.57 -27.35
C ASN B 169 43.79 -9.95 -27.28
N PHE B 170 43.44 -11.12 -27.81
CA PHE B 170 42.03 -11.49 -27.84
C PHE B 170 41.40 -11.46 -26.45
N GLY B 171 42.04 -12.11 -25.47
CA GLY B 171 41.47 -12.25 -24.14
C GLY B 171 41.47 -10.96 -23.34
N ASP B 172 42.33 -10.03 -23.77
CA ASP B 172 42.44 -8.70 -23.20
C ASP B 172 41.33 -7.78 -23.74
N TRP B 173 41.31 -7.61 -25.05
CA TRP B 173 40.40 -6.67 -25.73
C TRP B 173 38.95 -7.10 -25.70
N ILE B 174 38.68 -8.38 -25.40
CA ILE B 174 37.32 -8.86 -25.37
CA ILE B 174 37.33 -8.88 -25.36
C ILE B 174 36.55 -8.16 -24.26
N ARG B 175 37.27 -7.63 -23.26
CA ARG B 175 36.58 -7.03 -22.13
C ARG B 175 35.77 -5.79 -22.49
N GLU B 176 36.24 -4.96 -23.41
CA GLU B 176 35.43 -3.80 -23.77
C GLU B 176 34.31 -4.18 -24.75
N PHE B 177 34.39 -5.36 -25.33
CA PHE B 177 33.24 -5.87 -26.11
C PHE B 177 32.14 -6.38 -25.17
N TRP B 178 32.59 -7.12 -24.17
CA TRP B 178 31.75 -7.79 -23.18
C TRP B 178 30.96 -6.82 -22.31
N PHE B 179 31.65 -5.83 -21.76
CA PHE B 179 31.00 -4.87 -20.87
CA PHE B 179 30.96 -4.90 -20.88
C PHE B 179 30.57 -3.64 -21.65
N ILE B 180 29.56 -3.85 -22.46
CA ILE B 180 29.07 -2.87 -23.44
C ILE B 180 28.59 -1.57 -22.79
N GLY B 181 28.81 -0.45 -23.46
CA GLY B 181 28.27 0.83 -23.00
C GLY B 181 28.80 1.19 -21.63
N PRO B 182 27.92 1.70 -20.75
N PRO B 182 27.92 1.67 -20.74
CA PRO B 182 28.33 2.14 -19.41
CA PRO B 182 28.38 2.13 -19.42
C PRO B 182 28.82 0.99 -18.52
C PRO B 182 28.64 0.99 -18.44
N ALA B 183 28.55 -0.25 -18.90
CA ALA B 183 28.92 -1.37 -18.04
C ALA B 183 30.42 -1.35 -17.77
N PHE B 184 31.24 -0.93 -18.74
CA PHE B 184 32.68 -1.02 -18.53
C PHE B 184 33.11 -0.11 -17.37
N ALA B 185 32.64 1.12 -17.37
CA ALA B 185 33.01 2.08 -16.32
C ALA B 185 32.55 1.61 -14.94
N ALA B 186 31.45 0.84 -14.89
CA ALA B 186 30.90 0.43 -13.60
C ALA B 186 31.81 -0.55 -12.88
N ILE B 187 32.69 -1.24 -13.61
CA ILE B 187 33.56 -2.24 -13.00
C ILE B 187 34.43 -1.57 -11.94
N ASN B 188 35.20 -0.58 -12.31
CA ASN B 188 36.06 0.11 -11.35
C ASN B 188 35.27 0.79 -10.24
N GLU B 189 34.09 1.30 -10.58
CA GLU B 189 33.29 2.05 -9.60
C GLU B 189 32.96 1.19 -8.38
N GLY B 190 32.78 -0.11 -8.59
CA GLY B 190 32.48 -1.00 -7.49
C GLY B 190 33.72 -1.65 -6.86
N GLY B 191 34.90 -1.17 -7.20
CA GLY B 191 36.14 -1.78 -6.72
C GLY B 191 36.33 -3.21 -7.23
N GLN B 192 35.89 -3.45 -8.45
CA GLN B 192 35.91 -4.80 -9.04
C GLN B 192 36.98 -4.84 -10.12
N ARG B 193 37.48 -6.04 -10.41
CA ARG B 193 38.42 -6.25 -11.53
C ARG B 193 37.97 -7.46 -12.31
N ILE B 194 38.15 -7.43 -13.62
CA ILE B 194 37.86 -8.60 -14.46
C ILE B 194 39.15 -9.00 -15.13
N SER B 195 39.52 -10.29 -15.03
CA SER B 195 40.75 -10.75 -15.64
C SER B 195 40.56 -10.89 -17.16
N PRO B 196 41.67 -10.96 -17.90
CA PRO B 196 41.55 -11.38 -19.30
C PRO B 196 40.94 -12.78 -19.36
N ILE B 197 40.26 -13.07 -20.47
CA ILE B 197 39.70 -14.40 -20.72
C ILE B 197 40.78 -15.34 -21.26
N VAL B 198 40.75 -16.59 -20.81
CA VAL B 198 41.57 -17.64 -21.41
C VAL B 198 40.66 -18.63 -22.14
N VAL B 199 40.97 -18.92 -23.40
CA VAL B 199 40.22 -19.91 -24.15
C VAL B 199 40.97 -21.23 -24.10
N ASN B 200 40.39 -22.23 -23.45
CA ASN B 200 41.00 -23.54 -23.37
C ASN B 200 40.80 -24.35 -24.64
N SER B 201 39.59 -24.29 -25.17
CA SER B 201 39.33 -24.99 -26.43
C SER B 201 38.10 -24.44 -27.11
N SER B 202 38.13 -24.55 -28.44
N SER B 202 38.05 -24.62 -28.43
CA SER B 202 37.03 -24.19 -29.28
CA SER B 202 36.90 -24.14 -29.21
C SER B 202 36.98 -25.25 -30.35
C SER B 202 36.78 -24.92 -30.51
N ASN B 203 35.80 -25.81 -30.58
CA ASN B 203 35.65 -26.70 -31.72
C ASN B 203 34.19 -26.94 -32.06
N VAL B 204 33.98 -27.62 -33.17
CA VAL B 204 32.67 -27.97 -33.63
C VAL B 204 32.42 -29.43 -33.32
N GLU B 205 31.25 -29.74 -32.79
CA GLU B 205 30.89 -31.15 -32.70
C GLU B 205 29.52 -31.39 -33.32
N GLY B 206 29.21 -32.65 -33.57
CA GLY B 206 27.97 -32.98 -34.24
C GLY B 206 26.82 -32.96 -33.24
N GLY B 207 25.71 -32.38 -33.65
CA GLY B 207 24.50 -32.38 -32.86
C GLY B 207 23.39 -33.02 -33.67
N GLU B 208 22.19 -33.07 -33.10
CA GLU B 208 21.05 -33.70 -33.74
C GLU B 208 20.66 -33.02 -35.05
N LYS B 209 20.75 -31.70 -35.09
CA LYS B 209 20.35 -30.96 -36.28
C LYS B 209 21.53 -30.31 -36.99
N GLY B 210 22.74 -30.75 -36.67
CA GLY B 210 23.90 -30.21 -37.35
C GLY B 210 24.99 -29.77 -36.39
N PRO B 211 25.89 -28.92 -36.86
CA PRO B 211 27.07 -28.52 -36.10
C PRO B 211 26.72 -27.73 -34.85
N VAL B 212 27.46 -28.00 -33.78
CA VAL B 212 27.33 -27.29 -32.52
C VAL B 212 28.69 -26.67 -32.20
N GLY B 213 28.70 -25.38 -31.86
CA GLY B 213 29.93 -24.69 -31.50
C GLY B 213 30.17 -24.84 -30.02
N VAL B 214 31.32 -25.41 -29.67
CA VAL B 214 31.63 -25.77 -28.28
C VAL B 214 32.87 -25.03 -27.79
N THR B 215 32.73 -24.27 -26.71
N THR B 215 32.73 -24.27 -26.71
CA THR B 215 33.85 -23.52 -26.17
CA THR B 215 33.83 -23.51 -26.16
C THR B 215 34.02 -23.72 -24.66
C THR B 215 34.01 -23.76 -24.67
N ARG B 216 35.27 -23.93 -24.25
CA ARG B 216 35.59 -23.97 -22.85
C ARG B 216 36.48 -22.79 -22.55
N TRP B 217 36.07 -21.94 -21.62
CA TRP B 217 36.84 -20.73 -21.33
C TRP B 217 36.81 -20.40 -19.85
N LYS B 218 37.76 -19.54 -19.44
N LYS B 218 37.76 -19.57 -19.42
CA LYS B 218 37.94 -19.24 -18.03
CA LYS B 218 37.85 -19.23 -18.02
C LYS B 218 38.18 -17.76 -17.82
C LYS B 218 38.14 -17.75 -17.82
N PHE B 219 37.72 -17.26 -16.68
CA PHE B 219 38.13 -15.95 -16.26
C PHE B 219 37.93 -15.84 -14.75
N SER B 220 38.51 -14.82 -14.14
CA SER B 220 38.20 -14.55 -12.75
C SER B 220 37.79 -13.09 -12.60
N HIS B 221 37.07 -12.80 -11.53
CA HIS B 221 36.85 -11.41 -11.18
C HIS B 221 37.16 -11.26 -9.71
N ALA B 222 37.49 -10.04 -9.29
CA ALA B 222 37.92 -9.85 -7.91
C ALA B 222 37.28 -8.60 -7.36
N GLY B 223 37.28 -8.48 -6.04
CA GLY B 223 36.69 -7.32 -5.41
C GLY B 223 37.44 -6.94 -4.16
N SER B 224 37.39 -5.65 -3.84
CA SER B 224 38.03 -5.13 -2.66
C SER B 224 37.09 -5.19 -1.46
N GLY B 225 35.91 -5.77 -1.64
CA GLY B 225 34.98 -5.87 -0.52
C GLY B 225 33.57 -5.33 -0.76
N VAL B 226 33.45 -4.43 -1.73
CA VAL B 226 32.14 -3.87 -2.09
C VAL B 226 31.35 -4.91 -2.90
N VAL B 227 32.06 -5.74 -3.65
CA VAL B 227 31.45 -6.71 -4.55
C VAL B 227 30.80 -7.84 -3.72
N ASP B 228 29.48 -7.81 -3.59
CA ASP B 228 28.76 -8.76 -2.73
C ASP B 228 28.85 -10.21 -3.21
N SER B 229 29.01 -10.41 -4.51
N SER B 229 28.99 -10.40 -4.52
CA SER B 229 29.08 -11.76 -5.07
CA SER B 229 29.12 -11.74 -5.09
C SER B 229 30.33 -12.49 -4.63
C SER B 229 30.27 -12.50 -4.44
N ILE B 230 31.30 -11.74 -4.08
CA ILE B 230 32.48 -12.32 -3.45
C ILE B 230 32.40 -12.22 -1.92
N SER B 231 32.09 -11.05 -1.38
CA SER B 231 32.09 -10.88 0.08
CA SER B 231 32.08 -10.89 0.09
C SER B 231 31.03 -11.74 0.77
N ARG B 232 29.92 -11.99 0.09
CA ARG B 232 28.82 -12.72 0.69
C ARG B 232 28.42 -13.96 -0.11
N TRP B 233 29.43 -14.65 -0.61
CA TRP B 233 29.30 -15.83 -1.46
C TRP B 233 28.34 -16.92 -0.96
N THR B 234 28.46 -17.26 0.30
CA THR B 234 27.63 -18.28 0.90
C THR B 234 26.20 -17.77 1.15
N GLU B 235 26.12 -16.59 1.72
CA GLU B 235 24.87 -15.97 2.07
C GLU B 235 23.94 -15.78 0.87
N LEU B 236 24.52 -15.49 -0.28
CA LEU B 236 23.73 -15.20 -1.45
C LEU B 236 23.07 -16.40 -2.10
N PHE B 237 23.30 -17.58 -1.54
CA PHE B 237 22.71 -18.81 -2.07
C PHE B 237 22.21 -19.63 -0.87
N PRO B 238 21.09 -19.23 -0.33
CA PRO B 238 20.58 -19.84 0.92
C PRO B 238 19.85 -21.16 0.68
N VAL B 239 20.58 -22.13 0.13
CA VAL B 239 20.00 -23.40 -0.26
C VAL B 239 19.44 -24.16 0.96
N GLU B 240 20.07 -23.97 2.11
N GLU B 240 20.07 -23.99 2.12
CA GLU B 240 19.66 -24.65 3.35
CA GLU B 240 19.62 -24.69 3.33
C GLU B 240 18.25 -24.25 3.80
C GLU B 240 18.24 -24.26 3.79
N GLN B 241 17.86 -23.02 3.49
CA GLN B 241 16.55 -22.50 3.89
C GLN B 241 15.50 -22.67 2.79
N LEU B 242 15.90 -23.22 1.64
CA LEU B 242 14.93 -23.38 0.55
C LEU B 242 14.14 -24.68 0.69
N ASN B 243 13.08 -24.64 1.49
CA ASN B 243 12.29 -25.84 1.80
C ASN B 243 10.99 -25.85 1.03
N LYS B 244 10.81 -24.85 0.17
CA LYS B 244 9.62 -24.67 -0.63
C LYS B 244 10.03 -23.72 -1.75
N PRO B 245 9.23 -23.60 -2.81
CA PRO B 245 9.68 -22.73 -3.91
C PRO B 245 9.72 -21.26 -3.50
N ALA B 246 10.73 -20.55 -4.00
CA ALA B 246 10.86 -19.11 -3.83
C ALA B 246 10.66 -18.44 -5.17
N SER B 247 10.21 -17.19 -5.17
CA SER B 247 10.04 -16.48 -6.43
C SER B 247 10.13 -14.98 -6.24
N ILE B 248 10.54 -14.29 -7.29
CA ILE B 248 10.48 -12.85 -7.29
C ILE B 248 10.23 -12.36 -8.71
N GLU B 249 9.47 -11.27 -8.82
CA GLU B 249 9.11 -10.73 -10.09
C GLU B 249 9.29 -9.23 -10.00
N GLY B 250 9.80 -8.62 -11.06
CA GLY B 250 9.99 -7.18 -11.07
C GLY B 250 9.76 -6.66 -12.46
N GLY B 251 9.36 -5.41 -12.59
CA GLY B 251 9.20 -4.85 -13.92
C GLY B 251 9.39 -3.36 -13.86
N PHE B 252 9.83 -2.77 -14.97
CA PHE B 252 9.76 -1.31 -15.04
C PHE B 252 9.30 -0.83 -16.38
N ARG B 253 8.82 0.42 -16.40
N ARG B 253 8.80 0.40 -16.39
CA ARG B 253 8.48 1.16 -17.61
CA ARG B 253 8.55 1.14 -17.62
C ARG B 253 9.15 2.52 -17.56
C ARG B 253 9.30 2.45 -17.50
N SER B 254 9.91 2.87 -18.60
CA SER B 254 10.62 4.15 -18.59
C SER B 254 10.58 4.82 -19.94
N ASP B 255 10.58 6.16 -19.93
CA ASP B 255 10.74 6.94 -21.14
C ASP B 255 11.35 8.28 -20.75
N SER B 256 11.25 9.27 -21.62
CA SER B 256 11.90 10.55 -21.35
C SER B 256 11.13 11.41 -20.35
N GLN B 257 9.96 10.91 -19.91
CA GLN B 257 9.14 11.65 -18.93
C GLN B 257 9.10 10.99 -17.55
N GLY B 258 9.44 9.71 -17.44
CA GLY B 258 9.35 9.07 -16.14
C GLY B 258 9.77 7.63 -16.04
N ILE B 259 9.88 7.13 -14.81
CA ILE B 259 10.24 5.75 -14.52
C ILE B 259 9.21 5.22 -13.54
N GLU B 260 8.67 4.04 -13.78
N GLU B 260 8.69 4.03 -13.81
CA GLU B 260 7.83 3.37 -12.77
CA GLU B 260 7.82 3.31 -12.86
C GLU B 260 8.25 1.91 -12.68
C GLU B 260 8.42 1.92 -12.60
N VAL B 261 8.32 1.39 -11.45
N VAL B 261 8.35 1.48 -11.34
CA VAL B 261 8.89 0.09 -11.19
CA VAL B 261 8.96 0.21 -10.92
C VAL B 261 8.19 -0.60 -10.02
C VAL B 261 8.00 -0.57 -10.03
N LYS B 262 7.98 -1.90 -10.18
CA LYS B 262 7.29 -2.73 -9.21
C LYS B 262 8.10 -3.99 -8.98
N VAL B 263 8.20 -4.41 -7.72
CA VAL B 263 8.86 -5.67 -7.35
C VAL B 263 8.00 -6.40 -6.32
N ASP B 264 7.91 -7.73 -6.44
N ASP B 264 7.90 -7.71 -6.50
CA ASP B 264 7.12 -8.52 -5.51
CA ASP B 264 7.13 -8.59 -5.62
C ASP B 264 7.68 -9.93 -5.41
C ASP B 264 7.89 -9.89 -5.44
N GLY B 265 8.11 -10.32 -4.21
CA GLY B 265 8.78 -11.58 -4.02
C GLY B 265 8.58 -12.23 -2.67
N ASN B 266 8.92 -13.52 -2.62
CA ASN B 266 8.87 -14.31 -1.41
C ASN B 266 10.08 -15.23 -1.43
N LEU B 267 10.99 -15.06 -0.48
CA LEU B 267 12.28 -15.75 -0.57
C LEU B 267 12.98 -15.83 0.78
N PRO B 268 13.86 -16.82 0.95
CA PRO B 268 14.67 -16.89 2.17
C PRO B 268 15.83 -15.90 2.13
N GLY B 269 16.40 -15.59 3.29
CA GLY B 269 17.57 -14.75 3.38
C GLY B 269 17.26 -13.30 3.67
N VAL B 270 16.00 -12.97 3.90
CA VAL B 270 15.62 -11.58 4.18
C VAL B 270 16.04 -11.17 5.60
N SER B 271 15.93 -12.10 6.55
CA SER B 271 16.48 -11.88 7.88
C SER B 271 17.66 -12.81 8.15
N ARG B 272 18.47 -12.44 9.14
CA ARG B 272 19.66 -13.19 9.52
C ARG B 272 19.89 -13.17 11.02
N ASP B 273 20.51 -14.19 11.54
CA ASP B 273 20.85 -14.23 12.92
C ASP B 273 21.86 -13.15 13.18
N ALA B 274 21.63 -12.36 14.19
CA ALA B 274 22.53 -11.29 14.55
C ALA B 274 23.38 -11.57 15.79
N GLY B 275 23.17 -12.70 16.40
CA GLY B 275 23.89 -13.08 17.58
C GLY B 275 23.18 -12.56 18.79
N GLY B 276 23.36 -13.24 19.91
CA GLY B 276 22.73 -12.79 21.14
C GLY B 276 21.23 -12.83 21.15
N GLY B 277 20.66 -13.72 20.38
CA GLY B 277 19.23 -13.84 20.35
C GLY B 277 18.54 -12.83 19.45
N LEU B 278 19.29 -11.97 18.79
CA LEU B 278 18.71 -10.99 17.92
C LEU B 278 18.75 -11.42 16.45
N ARG B 279 17.91 -10.82 15.65
CA ARG B 279 17.93 -11.06 14.23
C ARG B 279 18.01 -9.70 13.58
N ARG B 280 18.60 -9.64 12.41
CA ARG B 280 18.54 -8.39 11.66
CA ARG B 280 18.64 -8.41 11.62
C ARG B 280 17.94 -8.60 10.28
N ILE B 281 17.44 -7.55 9.70
CA ILE B 281 17.20 -7.55 8.29
C ILE B 281 18.63 -7.65 7.68
N LEU B 282 18.80 -8.48 6.65
CA LEU B 282 20.14 -8.63 6.08
C LEU B 282 20.81 -7.31 5.72
N ASN B 283 22.11 -7.28 5.81
CA ASN B 283 22.87 -6.10 5.47
C ASN B 283 22.60 -5.70 4.03
N HIS B 284 22.42 -4.41 3.77
CA HIS B 284 22.14 -4.02 2.40
C HIS B 284 23.31 -4.34 1.46
N PRO B 285 22.98 -5.06 0.35
CA PRO B 285 24.09 -5.33 -0.59
C PRO B 285 24.59 -4.00 -1.16
N LEU B 286 25.91 -3.87 -1.36
CA LEU B 286 26.53 -2.65 -1.78
C LEU B 286 26.55 -2.32 -3.30
N ILE B 287 26.69 -3.32 -4.13
CA ILE B 287 26.76 -3.09 -5.57
C ILE B 287 25.57 -2.34 -6.12
N PRO B 288 24.36 -2.87 -5.72
CA PRO B 288 23.19 -2.16 -6.25
C PRO B 288 23.21 -0.64 -5.96
N LEU B 289 23.64 -0.31 -4.76
CA LEU B 289 23.67 1.11 -4.38
C LEU B 289 24.74 1.89 -5.15
N VAL B 290 25.90 1.30 -5.26
CA VAL B 290 26.98 1.94 -5.98
C VAL B 290 26.67 2.07 -7.48
N HIS B 291 26.20 1.00 -8.09
CA HIS B 291 25.85 1.08 -9.52
C HIS B 291 24.66 2.03 -9.81
N HIS B 292 23.64 1.94 -8.99
CA HIS B 292 22.50 2.83 -9.18
C HIS B 292 22.96 4.28 -8.92
N GLY B 293 23.98 4.45 -8.09
CA GLY B 293 24.48 5.75 -7.81
C GLY B 293 25.00 6.49 -9.02
N MET B 294 25.34 5.72 -10.05
CA MET B 294 25.86 6.24 -11.30
C MET B 294 24.76 6.93 -12.13
N VAL B 295 23.52 6.60 -11.83
CA VAL B 295 22.41 7.23 -12.53
C VAL B 295 21.48 8.03 -11.62
N GLY B 296 21.69 7.99 -10.33
CA GLY B 296 20.72 8.59 -9.42
C GLY B 296 20.99 10.05 -9.09
N LYS B 297 21.99 10.67 -9.73
CA LYS B 297 22.30 12.07 -9.43
C LYS B 297 21.97 13.07 -10.55
N PHE B 298 21.16 12.66 -11.53
CA PHE B 298 20.96 13.52 -12.69
C PHE B 298 19.79 14.51 -12.59
N ASN B 299 18.90 14.36 -11.60
CA ASN B 299 17.82 15.35 -11.39
C ASN B 299 17.58 15.53 -9.91
N ASP B 300 17.39 16.77 -9.47
CA ASP B 300 16.97 17.05 -8.09
CA ASP B 300 16.98 17.04 -8.10
C ASP B 300 15.58 16.45 -7.85
N PHE B 301 15.36 15.86 -6.68
CA PHE B 301 14.05 15.31 -6.36
C PHE B 301 13.74 15.46 -4.89
N THR B 302 12.45 15.44 -4.56
CA THR B 302 12.07 15.31 -3.15
CA THR B 302 12.01 15.34 -3.17
C THR B 302 11.51 13.92 -2.92
N VAL B 303 11.61 13.47 -1.68
CA VAL B 303 11.27 12.10 -1.31
C VAL B 303 9.87 12.01 -0.71
N ASP B 304 9.05 11.12 -1.25
CA ASP B 304 7.75 10.79 -0.66
C ASP B 304 7.72 9.29 -0.48
N THR B 305 8.24 8.79 0.65
N THR B 305 8.23 8.81 0.64
CA THR B 305 8.60 7.38 0.77
CA THR B 305 8.45 7.39 0.78
C THR B 305 8.24 6.77 2.13
C THR B 305 7.89 6.88 2.10
N GLN B 306 7.64 5.59 2.13
CA GLN B 306 7.31 4.90 3.38
C GLN B 306 7.84 3.48 3.34
N LEU B 307 8.35 3.03 4.47
CA LEU B 307 8.72 1.64 4.66
C LEU B 307 7.86 1.03 5.76
N LYS B 308 7.36 -0.18 5.51
CA LYS B 308 6.58 -0.89 6.51
C LYS B 308 7.23 -2.24 6.71
N ILE B 309 7.48 -2.58 7.97
CA ILE B 309 8.00 -3.89 8.32
C ILE B 309 7.01 -4.53 9.26
N VAL B 310 6.61 -5.74 8.91
CA VAL B 310 5.67 -6.49 9.72
C VAL B 310 6.41 -7.66 10.31
N LEU B 311 6.55 -7.66 11.63
CA LEU B 311 7.21 -8.76 12.36
C LEU B 311 6.24 -9.90 12.62
N PRO B 312 6.77 -11.10 12.86
CA PRO B 312 5.89 -12.20 13.30
C PRO B 312 5.27 -11.86 14.65
N LYS B 313 4.11 -12.46 14.98
CA LYS B 313 3.42 -12.13 16.22
C LYS B 313 4.30 -12.38 17.43
N GLY B 314 4.36 -11.41 18.35
CA GLY B 314 5.16 -11.55 19.55
C GLY B 314 6.53 -10.90 19.47
N TYR B 315 7.07 -10.74 18.26
CA TYR B 315 8.38 -10.12 18.10
C TYR B 315 8.33 -8.60 18.20
N LYS B 316 9.47 -8.01 18.54
CA LYS B 316 9.59 -6.57 18.72
C LYS B 316 10.91 -6.06 18.17
N ILE B 317 10.89 -4.88 17.56
CA ILE B 317 12.13 -4.22 17.19
CA ILE B 317 12.12 -4.19 17.18
C ILE B 317 12.88 -3.78 18.44
N ARG B 318 14.17 -4.12 18.51
N ARG B 318 14.15 -4.15 18.52
CA ARG B 318 14.99 -3.79 19.67
CA ARG B 318 14.98 -3.78 19.67
C ARG B 318 16.02 -2.70 19.38
C ARG B 318 15.81 -2.53 19.36
N TYR B 319 16.22 -2.39 18.11
CA TYR B 319 17.08 -1.29 17.68
C TYR B 319 16.77 -0.94 16.25
N ALA B 320 16.63 0.34 15.97
CA ALA B 320 16.49 0.78 14.59
C ALA B 320 17.06 2.17 14.48
N ALA B 321 17.94 2.38 13.50
CA ALA B 321 18.52 3.70 13.27
C ALA B 321 18.71 3.86 11.77
N PRO B 322 17.97 4.80 11.14
CA PRO B 322 16.97 5.74 11.66
C PRO B 322 15.80 5.06 12.37
N GLN B 323 15.27 5.75 13.38
N GLN B 323 15.27 5.74 13.39
CA GLN B 323 14.16 5.23 14.18
CA GLN B 323 14.19 5.19 14.20
C GLN B 323 12.90 5.12 13.34
C GLN B 323 12.87 5.17 13.43
N PHE B 324 12.02 4.19 13.72
CA PHE B 324 10.71 4.10 13.07
C PHE B 324 9.83 5.25 13.54
N ARG B 325 8.84 5.61 12.71
CA ARG B 325 7.95 6.72 13.04
CA ARG B 325 7.95 6.72 13.04
C ARG B 325 6.79 6.26 13.91
N SER B 326 6.25 5.08 13.60
CA SER B 326 5.11 4.61 14.39
C SER B 326 5.07 3.09 14.48
N GLN B 327 4.41 2.61 15.52
CA GLN B 327 4.23 1.20 15.70
C GLN B 327 2.75 0.91 15.89
N ASN B 328 2.28 -0.14 15.23
N ASN B 328 2.26 -0.13 15.22
CA ASN B 328 0.93 -0.65 15.43
CA ASN B 328 0.91 -0.63 15.44
C ASN B 328 1.02 -2.15 15.63
C ASN B 328 0.98 -2.15 15.63
N LEU B 329 1.06 -2.57 16.89
CA LEU B 329 1.34 -3.97 17.24
C LEU B 329 2.64 -4.40 16.54
N GLU B 330 2.57 -5.42 15.69
CA GLU B 330 3.79 -5.89 15.03
C GLU B 330 4.16 -5.13 13.76
N GLU B 331 3.39 -4.11 13.40
CA GLU B 331 3.70 -3.34 12.19
C GLU B 331 4.44 -2.07 12.56
N TYR B 332 5.60 -1.86 11.94
CA TYR B 332 6.40 -0.66 12.15
C TYR B 332 6.50 0.13 10.86
N ARG B 333 6.35 1.44 10.96
CA ARG B 333 6.43 2.30 9.78
C ARG B 333 7.52 3.35 9.89
N TRP B 334 8.24 3.56 8.79
CA TRP B 334 9.21 4.64 8.63
C TRP B 334 8.74 5.60 7.55
N SER B 335 8.84 6.91 7.83
CA SER B 335 8.59 7.92 6.83
CA SER B 335 8.51 7.94 6.85
C SER B 335 9.03 9.29 7.33
N GLY B 336 9.50 10.13 6.42
CA GLY B 336 9.94 11.47 6.75
C GLY B 336 11.21 11.50 7.58
N GLY B 337 11.58 12.71 8.02
CA GLY B 337 12.70 12.90 8.92
C GLY B 337 13.99 12.24 8.45
N ALA B 338 14.68 11.59 9.38
CA ALA B 338 15.97 10.98 9.10
C ALA B 338 15.83 9.83 8.09
N TYR B 339 14.69 9.14 8.09
CA TYR B 339 14.50 8.07 7.11
C TYR B 339 14.45 8.63 5.69
N ALA B 340 13.73 9.74 5.50
CA ALA B 340 13.62 10.34 4.17
C ALA B 340 15.00 10.78 3.68
N ARG B 341 15.84 11.31 4.56
CA ARG B 341 17.18 11.70 4.14
CA ARG B 341 17.19 11.70 4.15
C ARG B 341 18.03 10.46 3.83
N TRP B 342 17.78 9.38 4.54
CA TRP B 342 18.52 8.14 4.22
C TRP B 342 18.09 7.61 2.86
N VAL B 343 16.80 7.68 2.54
CA VAL B 343 16.33 7.23 1.24
C VAL B 343 16.98 8.04 0.10
N GLU B 344 16.98 9.36 0.23
CA GLU B 344 17.67 10.22 -0.74
C GLU B 344 19.14 9.79 -0.90
N HIS B 345 19.80 9.58 0.23
CA HIS B 345 21.21 9.16 0.30
C HIS B 345 21.45 7.88 -0.49
N VAL B 346 20.67 6.82 -0.24
CA VAL B 346 20.97 5.56 -0.95
C VAL B 346 20.55 5.60 -2.41
N CYS B 347 19.55 6.39 -2.76
CA CYS B 347 19.17 6.53 -4.18
C CYS B 347 20.25 7.20 -5.00
N LYS B 348 21.09 7.99 -4.34
CA LYS B 348 22.15 8.71 -5.04
CA LYS B 348 22.15 8.71 -5.03
C LYS B 348 23.51 8.00 -4.98
N GLY B 349 23.56 6.84 -4.33
CA GLY B 349 24.79 6.04 -4.28
C GLY B 349 25.41 5.89 -2.90
N GLY B 350 24.76 6.44 -1.89
CA GLY B 350 25.29 6.35 -0.53
C GLY B 350 25.14 4.97 0.08
N THR B 351 26.07 4.58 0.94
CA THR B 351 26.01 3.24 1.53
C THR B 351 25.92 3.27 3.05
N GLY B 352 25.43 4.38 3.60
CA GLY B 352 25.28 4.52 5.05
C GLY B 352 24.37 3.44 5.65
N GLN B 353 24.77 2.88 6.78
CA GLN B 353 24.02 1.78 7.40
C GLN B 353 22.66 2.23 7.97
N PHE B 354 21.62 1.51 7.58
CA PHE B 354 20.31 1.53 8.22
C PHE B 354 20.11 0.15 8.83
N GLU B 355 20.25 0.03 10.15
CA GLU B 355 20.19 -1.28 10.78
C GLU B 355 18.89 -1.45 11.53
N VAL B 356 18.28 -2.62 11.37
CA VAL B 356 17.08 -3.01 12.11
C VAL B 356 17.30 -4.36 12.78
N LEU B 357 17.21 -4.38 14.11
CA LEU B 357 17.36 -5.59 14.91
C LEU B 357 16.06 -5.87 15.64
N TYR B 358 15.65 -7.14 15.66
CA TYR B 358 14.42 -7.51 16.34
C TYR B 358 14.57 -8.83 17.04
N ALA B 359 13.64 -9.12 17.95
CA ALA B 359 13.68 -10.37 18.69
C ALA B 359 12.35 -10.60 19.37
N GLN B 360 12.12 -11.82 19.81
CA GLN B 360 11.00 -12.06 20.71
C GLN B 360 11.49 -11.85 22.14
MG BCL C . -24.10 29.58 2.71
CHA BCL C . -22.57 28.82 -0.28
CHB BCL C . -25.02 32.59 1.40
CHC BCL C . -26.15 30.08 5.39
CHD BCL C . -23.83 26.22 3.65
NA BCL C . -23.81 30.55 0.79
C1A BCL C . -23.13 30.08 -0.33
C2A BCL C . -22.92 31.17 -1.35
C3A BCL C . -23.90 32.28 -0.87
C4A BCL C . -24.26 31.85 0.52
CMA BCL C . -23.26 33.66 -0.91
CAA BCL C . -23.12 30.81 -2.85
CBA BCL C . -24.56 30.46 -3.29
CGA BCL C . -25.06 29.22 -2.63
O1A BCL C . -24.77 28.12 -2.93
O2A BCL C . -25.85 29.50 -1.60
NB BCL C . -25.42 31.06 3.29
C1B BCL C . -25.58 32.29 2.65
C2B BCL C . -26.37 33.14 3.42
C3B BCL C . -26.72 32.47 4.58
C4B BCL C . -26.10 31.14 4.46
CMB BCL C . -26.72 34.55 2.95
CAB BCL C . -27.55 32.90 5.72
OBB BCL C . -28.07 32.10 6.50
CBB BCL C . -27.81 34.37 6.03
NC BCL C . -24.86 28.34 4.27
C1C BCL C . -25.65 28.77 5.30
C2C BCL C . -25.80 27.77 6.38
C3C BCL C . -25.38 26.47 5.66
C4C BCL C . -24.60 27.00 4.49
CMC BCL C . -24.93 28.13 7.57
CAC BCL C . -26.58 25.59 5.24
CBC BCL C . -27.36 25.01 6.41
ND BCL C . -23.44 27.87 1.88
C1D BCL C . -23.25 26.57 2.40
C2D BCL C . -22.47 25.78 1.53
C3D BCL C . -22.16 26.60 0.46
C4D BCL C . -22.75 27.84 0.71
CMD BCL C . -22.08 24.32 1.75
CAD BCL C . -21.43 26.72 -0.74
OBD BCL C . -20.66 25.93 -1.34
CBD BCL C . -21.73 28.13 -1.34
CGD BCL C . -20.47 28.82 -1.66
O1D BCL C . -19.68 29.24 -0.84
O2D BCL C . -20.28 28.97 -2.96
CED BCL C . -19.08 29.67 -3.42
C1 BCL C . -26.35 28.34 -0.87
C2 BCL C . -27.18 28.91 0.28
C3 BCL C . -27.47 28.15 1.33
C4 BCL C . -27.05 26.70 1.52
C5 BCL C . -28.29 28.67 2.50
C6 BCL C . -28.98 30.01 2.34
C7 BCL C . -29.74 30.36 3.62
C8 BCL C . -30.84 31.41 3.33
C9 BCL C . -30.23 32.79 2.92
C10 BCL C . -31.76 31.57 4.55
C11 BCL C . -32.42 30.26 5.05
C12 BCL C . -33.25 29.61 3.93
C13 BCL C . -34.01 28.35 4.38
C14 BCL C . -34.86 28.62 5.62
C15 BCL C . -33.04 27.24 4.75
C16 BCL C . -32.12 26.79 3.64
C17 BCL C . -31.81 25.30 3.76
C18 BCL C . -30.59 24.88 2.97
C19 BCL C . -30.95 24.90 1.48
C20 BCL C . -30.15 23.47 3.31
MG BCL D . -18.28 20.72 -4.44
CHA BCL D . -20.48 21.88 -6.86
CHB BCL D . -18.93 23.55 -2.64
CHC BCL D . -16.87 19.23 -1.71
CHD BCL D . -18.11 17.65 -6.12
NA BCL D . -19.57 22.47 -4.73
C1A BCL D . -20.36 22.78 -5.82
C2A BCL D . -21.03 24.12 -5.67
C3A BCL D . -20.33 24.72 -4.44
C4A BCL D . -19.60 23.55 -3.85
CMA BCL D . -19.38 25.85 -4.79
CAA BCL D . -22.56 23.99 -5.46
CBA BCL D . -23.25 25.36 -5.46
CGA BCL D . -24.64 25.25 -4.92
O1A BCL D . -25.66 25.42 -5.53
O2A BCL D . -24.60 24.96 -3.68
NB BCL D . -17.95 21.28 -2.48
C1B BCL D . -18.23 22.53 -1.94
C2B BCL D . -17.72 22.59 -0.61
C3B BCL D . -17.06 21.40 -0.34
C4B BCL D . -17.29 20.56 -1.51
CMB BCL D . -17.96 23.79 0.29
CAB BCL D . -16.25 20.99 0.80
OBB BCL D . -15.38 20.14 0.68
CBB BCL D . -16.43 21.56 2.20
NC BCL D . -17.61 18.74 -3.98
C1C BCL D . -17.05 18.35 -2.80
C2C BCL D . -16.71 16.90 -2.75
C3C BCL D . -16.95 16.45 -4.19
C4C BCL D . -17.61 17.64 -4.83
CMC BCL D . -15.27 16.70 -2.26
CAC BCL D . -17.83 15.18 -4.35
CBC BCL D . -17.25 13.95 -3.70
ND BCL D . -19.16 19.88 -6.06
C1D BCL D . -18.86 18.70 -6.78
C2D BCL D . -19.39 18.73 -8.09
C3D BCL D . -20.05 19.96 -8.18
C4D BCL D . -19.88 20.62 -6.96
CMD BCL D . -19.26 17.64 -9.17
CAD BCL D . -20.82 20.80 -9.00
OBD BCL D . -21.14 20.70 -10.19
CBD BCL D . -21.27 22.02 -8.15
CGD BCL D . -21.03 23.26 -8.91
O1D BCL D . -19.95 23.55 -9.41
O2D BCL D . -22.09 24.04 -9.02
CED BCL D . -21.96 25.27 -9.75
C1 BCL D . -25.90 24.85 -3.03
C2 BCL D . -25.59 24.59 -1.57
C3 BCL D . -25.76 23.41 -1.07
C4 BCL D . -26.26 22.17 -1.84
C5 BCL D . -25.45 23.11 0.41
C6 BCL D . -26.66 22.62 1.22
C7 BCL D . -26.27 22.22 2.64
C8 BCL D . -25.30 21.05 2.77
C9 BCL D . -25.81 19.81 2.01
C10 BCL D . -25.11 20.70 4.24
C11 BCL D . -24.47 21.83 5.00
C12 BCL D . -24.02 21.39 6.39
C13 BCL D . -23.64 22.58 7.28
C14 BCL D . -22.37 23.29 6.83
C15 BCL D . -23.46 22.04 8.70
C16 BCL D . -23.21 23.10 9.74
C17 BCL D . -24.24 24.24 9.83
C18 BCL D . -25.59 23.78 10.26
C19 BCL D . -26.39 25.05 10.59
C20 BCL D . -25.58 22.90 11.51
MG BCL E . -15.78 3.12 -3.73
CHA BCL E . -16.55 6.41 -4.37
CHB BCL E . -14.36 4.12 -0.79
CHC BCL E . -14.61 -0.01 -3.31
CHD BCL E . -16.15 2.42 -7.15
NA BCL E . -15.54 5.03 -2.73
C1A BCL E . -16.01 6.27 -3.13
C2A BCL E . -15.86 7.30 -2.03
C3A BCL E . -14.94 6.58 -1.02
C4A BCL E . -14.98 5.15 -1.46
CMA BCL E . -13.50 7.11 -1.14
CAA BCL E . -17.20 7.75 -1.41
CBA BCL E . -16.92 9.00 -0.52
CGA BCL E . -18.08 9.27 0.37
O1A BCL E . -18.36 8.61 1.31
O2A BCL E . -18.77 10.36 0.06
NB BCL E . -14.59 2.20 -2.32
C1B BCL E . -14.21 2.76 -1.10
C2B BCL E . -13.68 1.77 -0.27
C3B BCL E . -13.70 0.57 -0.97
C4B BCL E . -14.31 0.87 -2.25
CMB BCL E . -13.19 2.06 1.15
CAB BCL E . -13.19 -0.71 -0.45
OBB BCL E . -13.08 -0.92 0.76
CBB BCL E . -12.76 -1.82 -1.37
NC BCL E . -15.44 1.46 -5.04
C1C BCL E . -15.03 0.24 -4.62
C2C BCL E . -15.30 -0.81 -5.63
C3C BCL E . -15.31 0.00 -6.91
C4C BCL E . -15.68 1.38 -6.38
CMC BCL E . -14.25 -1.93 -5.66
CAC BCL E . -16.31 -0.58 -7.93
CBC BCL E . -15.80 -0.45 -9.35
ND BCL E . -16.21 4.14 -5.42
C1D BCL E . -16.36 3.77 -6.76
C2D BCL E . -16.79 4.86 -7.56
C3D BCL E . -16.87 5.93 -6.69
C4D BCL E . -16.52 5.47 -5.41
CMD BCL E . -17.09 4.82 -9.04
CAD BCL E . -17.13 7.32 -6.56
OBD BCL E . -17.38 8.17 -7.41
CBD BCL E . -17.05 7.69 -5.05
CGD BCL E . -16.20 8.86 -4.84
O1D BCL E . -16.55 9.88 -4.30
O2D BCL E . -14.97 8.69 -5.33
CED BCL E . -14.06 9.80 -5.13
C1 BCL E . -19.91 10.61 0.96
C2 BCL E . -20.62 11.79 0.33
C3 BCL E . -21.71 12.33 0.81
C4 BCL E . -22.44 11.87 2.06
C5 BCL E . -22.36 13.53 0.08
C6 BCL E . -22.59 14.78 0.87
C7 BCL E . -23.36 15.85 0.06
C8 BCL E . -24.87 15.81 0.18
C8 BCL E . -24.81 15.61 -0.33
C9 BCL E . -25.49 16.88 -0.73
C9 BCL E . -25.44 16.97 -0.74
C10 BCL E . -25.24 16.12 1.64
C10 BCL E . -25.65 15.00 0.81
C11 BCL E . -26.67 15.81 2.03
C11 BCL E . -25.80 15.65 2.18
C12 BCL E . -26.96 16.24 3.47
C12 BCL E . -26.37 14.61 3.15
C13 BCL E . -25.84 15.86 4.44
C13 BCL E . -26.70 15.11 4.56
C14 BCL E . -25.67 14.34 4.61
C14 BCL E . -27.88 16.09 4.55
C15 BCL E . -26.24 16.43 5.79
C15 BCL E . -25.47 15.80 5.17
C16 BCL E . -25.08 16.44 6.76
C16 BCL E . -25.72 16.11 6.64
C17 BCL E . -25.58 16.05 8.15
C17 BCL E . -24.94 17.18 7.41
C18 BCL E . -24.67 16.60 9.22
C18 BCL E . -25.72 17.47 8.71
C19 BCL E . -25.28 16.03 10.50
C19 BCL E . -25.29 18.86 9.20
C20 BCL E . -24.66 18.13 9.21
C20 BCL E . -25.53 16.40 9.81
MG BCL F . -17.95 -0.87 6.52
CHA BCL F . -16.30 -3.47 8.08
CHB BCL F . -18.52 0.48 9.57
CHC BCL F . -18.66 2.10 5.02
CHD BCL F . -17.01 -2.17 3.44
NA BCL F . -17.43 -1.44 8.55
C1A BCL F . -16.89 -2.63 8.99
C2A BCL F . -16.92 -2.74 10.49
C3A BCL F . -17.93 -1.65 10.88
C4A BCL F . -17.95 -0.77 9.65
CMA BCL F . -19.31 -2.26 11.18
CAA BCL F . -15.55 -2.54 11.18
CBA BCL F . -14.74 -1.30 10.73
CGA BCL F . -13.95 -1.52 9.48
O1A BCL F . -13.38 -2.54 9.14
O2A BCL F . -13.89 -0.48 8.71
NB BCL F . -18.46 1.01 7.18
C1B BCL F . -18.67 1.37 8.50
C2B BCL F . -19.08 2.70 8.60
C3B BCL F . -19.13 3.23 7.30
C4B BCL F . -18.75 2.12 6.42
CMB BCL F . -19.41 3.34 9.94
CAB BCL F . -19.43 4.58 6.82
OBB BCL F . -19.34 4.89 5.63
CBB BCL F . -19.88 5.69 7.74
NC BCL F . -17.83 -0.14 4.53
C1C BCL F . -18.30 1.08 4.11
C2C BCL F . -18.20 1.27 2.64
C3C BCL F . -17.94 -0.15 2.14
C4C BCL F . -17.55 -0.88 3.41
CMC BCL F . -19.44 1.89 1.99
CAC BCL F . -16.81 -0.22 1.07
CBC BCL F . -17.23 0.39 -0.26
ND BCL F . -16.84 -2.42 5.86
C1D BCL F . -16.58 -2.90 4.57
C2D BCL F . -15.91 -4.17 4.61
C3D BCL F . -15.76 -4.45 5.98
C4D BCL F . -16.33 -3.39 6.69
CMD BCL F . -15.51 -5.00 3.40
CAD BCL F . -15.33 -5.40 6.92
OBD BCL F . -14.78 -6.51 6.76
CBD BCL F . -15.64 -4.85 8.34
CGD BCL F . -16.50 -5.78 9.06
O1D BCL F . -17.63 -6.04 8.73
O2D BCL F . -15.92 -6.36 10.12
CED BCL F . -16.74 -7.31 10.86
C1 BCL F . -13.11 -0.64 7.48
C2 BCL F . -13.04 0.74 6.83
C3 BCL F . -13.55 0.96 5.64
C4 BCL F . -14.26 -0.09 4.78
C5 BCL F . -13.48 2.35 5.02
C6 BCL F . -14.80 2.95 4.58
C7 BCL F . -14.70 4.43 4.19
C8 BCL F . -16.05 4.94 3.69
C9 BCL F . -16.29 4.55 2.21
C10 BCL F . -16.16 6.47 3.89
C11 BCL F . -15.04 7.32 3.26
C12 BCL F . -15.23 8.81 3.56
C13 BCL F . -14.21 9.70 2.83
C14 BCL F . -12.75 9.46 3.26
C15 BCL F . -14.54 11.19 3.00
C16 BCL F . -15.88 11.61 2.37
C17 BCL F . -16.04 13.13 2.53
C18 BCL F . -17.23 13.78 1.83
C19 BCL F . -16.98 13.64 0.33
C20 BCL F . -17.46 15.25 2.23
MG BCL G . -21.97 8.83 15.66
CHA BCL G . -22.12 6.17 13.45
CHB BCL G . -19.41 7.21 17.25
CHC BCL G . -21.30 11.66 17.41
CHD BCL G . -24.04 10.69 13.54
NA BCL G . -20.91 6.94 15.35
C1A BCL G . -21.27 5.91 14.49
C2A BCL G . -20.48 4.66 14.77
C3A BCL G . -19.92 4.95 16.18
C4A BCL G . -20.02 6.44 16.28
CMA BCL G . -20.74 4.23 17.27
CAA BCL G . -19.38 4.41 13.74
CBA BCL G . -18.71 3.06 13.98
CGA BCL G . -17.48 2.80 13.16
O1A BCL G . -16.97 1.77 13.07
O2A BCL G . -16.94 3.79 12.53
NB BCL G . -20.53 9.40 17.03
C1B BCL G . -19.63 8.53 17.66
C2B BCL G . -18.97 9.21 18.71
C3B BCL G . -19.56 10.45 18.84
C4B BCL G . -20.48 10.57 17.73
CMB BCL G . -17.78 8.61 19.48
CAB BCL G . -19.43 11.47 19.88
OBB BCL G . -19.49 12.69 19.60
CBB BCL G . -19.25 11.09 21.33
NC BCL G . -22.57 10.86 15.48
C1C BCL G . -22.23 11.86 16.37
C2C BCL G . -23.06 13.09 16.22
C3C BCL G . -23.77 12.86 14.87
C4C BCL G . -23.48 11.39 14.59
CMC BCL G . -24.01 13.27 17.38
CAC BCL G . -23.24 13.76 13.73
CBC BCL G . -23.53 15.25 13.96
ND BCL G . -22.83 8.57 13.85
C1D BCL G . -23.76 9.34 13.13
C2D BCL G . -24.32 8.61 12.06
C3D BCL G . -23.71 7.36 12.11
C4D BCL G . -22.83 7.37 13.20
CMD BCL G . -25.36 9.11 11.10
CAD BCL G . -23.63 6.08 11.53
OBD BCL G . -24.23 5.61 10.55
CBD BCL G . -22.59 5.22 12.34
CGD BCL G . -23.19 4.00 12.84
O1D BCL G . -22.87 2.87 12.49
O2D BCL G . -24.13 4.20 13.75
CED BCL G . -24.76 3.02 14.34
C1 BCL G . -15.74 3.52 11.74
C2 BCL G . -15.74 4.52 10.60
C3 BCL G . -15.56 4.19 9.34
C4 BCL G . -15.33 2.77 8.82
C5 BCL G . -15.57 5.26 8.23
C6 BCL G . -15.29 6.70 8.63
C7 BCL G . -15.30 7.63 7.43
C8 BCL G . -15.12 9.12 7.69
C9 BCL G . -13.74 9.39 8.33
C10 BCL G . -16.27 9.65 8.58
C11 BCL G . -17.62 9.50 7.89
C12 BCL G . -17.81 10.46 6.71
C13 BCL G . -19.19 10.30 6.04
C14 BCL G . -19.28 9.02 5.22
C15 BCL G . -19.45 11.47 5.07
C16 BCL G . -19.74 12.80 5.72
C17 BCL G . -20.36 13.80 4.75
C18 BCL G . -20.78 15.06 5.47
C19 BCL G . -21.46 15.93 4.41
C20 BCL G . -19.60 15.79 6.10
MG BCL H . -29.17 16.87 11.23
CHA BCL H . -27.78 16.58 14.38
CHA BCL H . -27.78 16.58 14.39
CHB BCL H . -28.55 20.20 11.36
CHC BCL H . -29.47 17.02 7.85
CHD BCL H . -29.28 13.39 11.01
NA BCL H . -28.27 18.19 12.71
C1A BCL H . -27.76 17.88 13.95
C2A BCL H . -27.21 19.11 14.64
C3A BCL H . -27.76 20.25 13.78
C4A BCL H . -28.15 19.55 12.51
CMA BCL H . -28.98 20.92 14.42
CAA BCL H . -25.67 19.08 14.68
CBA BCL H . -25.04 19.08 13.26
CGA BCL H . -23.54 19.11 13.31
O1A BCL H . -22.93 19.32 14.26
O2A BCL H . -22.95 18.88 12.19
NB BCL H . -29.03 18.36 9.81
C1B BCL H . -28.78 19.71 10.08
C2B BCL H . -28.79 20.46 8.90
C3B BCL H . -29.03 19.57 7.83
C4B BCL H . -29.19 18.25 8.47
CMB BCL H . -28.59 21.97 8.90
CAB BCL H . -29.07 19.83 6.40
OBB BCL H . -29.05 18.93 5.58
CBB BCL H . -29.11 21.23 5.81
NC BCL H . -29.34 15.42 9.68
C1C BCL H . -29.56 15.72 8.36
C2C BCL H . -29.88 14.52 7.53
C3C BCL H . -29.90 13.38 8.56
C4C BCL H . -29.49 14.05 9.82
CMC BCL H . -31.22 14.61 6.82
CAC BCL H . -28.97 12.22 8.20
CBC BCL H . -27.54 12.67 8.07
ND BCL H . -28.63 15.29 12.39
C1D BCL H . -28.78 13.92 12.24
C2D BCL H . -28.37 13.22 13.41
C3D BCL H . -27.98 14.22 14.29
C3D BCL H . -27.98 14.21 14.29
C4D BCL H . -28.14 15.44 13.66
C4D BCL H . -28.14 15.43 13.66
CMD BCL H . -28.38 11.73 13.58
CAD BCL H . -27.44 14.48 15.58
CAD BCL H . -27.50 14.49 15.59
OBD BCL H . -27.07 13.71 16.47
OBD BCL H . -27.41 13.77 16.61
CBD BCL H . -27.38 16.02 15.76
CBD BCL H . -27.06 15.98 15.62
CGD BCL H . -28.28 16.46 16.83
CGD BCL H . -27.37 16.65 16.90
O1D BCL H . -29.19 15.81 17.29
O1D BCL H . -26.60 16.82 17.83
O2D BCL H . -28.01 17.68 17.29
O2D BCL H . -28.62 17.07 16.98
CED BCL H . -28.91 18.27 18.26
CED BCL H . -29.01 17.82 18.16
C1 BCL H . -21.50 18.87 12.20
C2 BCL H . -21.10 17.50 11.64
C3 BCL H . -20.70 17.43 10.40
C4 BCL H . -20.60 18.62 9.46
C5 BCL H . -20.28 16.11 9.75
C6 BCL H . -20.94 14.83 10.24
C7 BCL H . -20.51 13.68 9.35
C8 BCL H . -21.11 12.31 9.66
C9 BCL H . -22.62 12.42 9.85
C10 BCL H . -20.41 11.76 10.92
C11 BCL H . -20.76 10.34 11.12
C12 BCL H . -20.01 9.77 12.33
C13 BCL H . -18.72 9.06 11.95
C14 BCL H . -18.96 7.77 11.18
C15 BCL H . -18.08 8.70 13.28
C16 BCL H . -17.37 9.79 13.99
C17 BCL H . -16.54 9.32 15.16
C18 BCL H . -15.70 10.44 15.73
C19 BCL H . -14.54 9.69 16.39
C20 BCL H . -16.43 11.33 16.75
MG BCL I . -24.85 9.24 1.45
CHA BCL I . -22.87 8.33 -1.26
CHB BCL I . -26.55 11.35 -0.62
CHC BCL I . -26.34 10.58 4.16
CHD BCL I . -22.52 7.68 3.56
NA BCL I . -24.69 9.77 -0.65
C1A BCL I . -23.84 9.22 -1.62
C2A BCL I . -24.22 9.65 -2.99
C3A BCL I . -25.19 10.82 -2.72
C4A BCL I . -25.57 10.63 -1.29
CMA BCL I . -24.54 12.19 -2.93
CAA BCL I . -24.88 8.47 -3.73
CBA BCL I . -25.29 8.76 -5.22
CGA BCL I . -24.15 9.05 -6.18
O1A BCL I . -24.20 9.00 -7.35
O2A BCL I . -23.04 9.39 -5.71
NB BCL I . -26.16 10.80 1.75
C1B BCL I . -26.93 11.37 0.74
C2B BCL I . -28.10 11.94 1.27
C3B BCL I . -28.09 11.72 2.66
C3B BCL I . -28.10 11.73 2.66
C4B BCL I . -26.84 11.02 2.92
CMB BCL I . -29.13 12.64 0.37
CAB BCL I . -29.05 12.06 3.69
CAB BCL I . -29.10 12.07 3.70
OBB BCL I . -29.29 11.32 4.67
OBB BCL I . -28.89 11.90 4.92
CBB BCL I . -29.83 13.36 3.63
CBB BCL I . -30.46 12.63 3.36
NC BCL I . -24.49 9.12 3.54
C1C BCL I . -25.19 9.84 4.49
C2C BCL I . -24.70 9.63 5.88
C3C BCL I . -23.40 8.81 5.66
C4C BCL I . -23.43 8.51 4.19
CMC BCL I . -24.51 10.95 6.59
CAC BCL I . -23.28 7.54 6.57
CBC BCL I . -23.05 7.89 8.02
ND BCL I . -23.07 8.28 1.25
C1D BCL I . -22.29 7.56 2.17
C2D BCL I . -21.29 6.81 1.50
C3D BCL I . -21.47 7.05 0.16
C4D BCL I . -22.54 7.94 0.04
CMD BCL I . -20.25 5.93 2.17
CAD BCL I . -20.95 6.83 -1.14
OBD BCL I . -20.00 6.16 -1.52
CBD BCL I . -21.82 7.64 -2.15
CGD BCL I . -20.93 8.50 -2.94
O1D BCL I . -20.46 8.21 -4.02
O2D BCL I . -20.67 9.67 -2.36
CED BCL I . -19.77 10.57 -3.12
C1 BCL I . -21.92 9.68 -6.60
C2 BCL I . -21.69 11.17 -6.44
C3 BCL I . -21.40 11.93 -7.44
C4 BCL I . -21.25 11.49 -8.90
C5 BCL I . -21.17 13.40 -7.20
C6 BCL I . -21.56 13.93 -5.82
C7 BCL I . -21.51 15.44 -5.80
C8 BCL I . -22.04 16.05 -4.51
C9 BCL I . -23.56 15.78 -4.41
C10 BCL I . -21.76 17.56 -4.47
C11 BCL I . -21.95 18.14 -3.09
C12 BCL I . -21.78 19.68 -3.12
C13 BCL I . -22.28 20.31 -1.83
C14 BCL I . -22.42 21.82 -1.92
C15 BCL I . -21.15 19.88 -0.90
C16 BCL I . -21.56 19.85 0.51
C17 BCL I . -20.29 19.46 1.26
C18 BCL I . -20.57 19.09 2.69
C19 BCL I . -21.30 20.29 3.30
C20 BCL I . -19.28 18.79 3.47
S SO4 J . -22.06 -1.88 25.42
O1 SO4 J . -23.15 -2.58 24.75
O2 SO4 J . -22.58 -0.73 26.15
O3 SO4 J . -21.09 -1.43 24.43
O4 SO4 J . -21.40 -2.79 26.37
S SO4 K . -44.02 15.15 0.18
O1 SO4 K . -45.20 14.30 0.08
O2 SO4 K . -44.33 16.34 0.95
O3 SO4 K . -42.97 14.40 0.87
O4 SO4 K . -43.56 15.52 -1.14
S SO4 L . -0.34 2.18 5.12
O1 SO4 L . -0.55 3.36 5.95
O2 SO4 L . -0.78 2.44 3.76
O3 SO4 L . 1.08 1.84 5.10
O4 SO4 L . -1.08 1.04 5.67
MG BCL M . 25.17 -15.19 -28.59
CHA BCL M . 23.83 -12.19 -29.65
CHB BCL M . 26.26 -15.72 -31.77
CHC BCL M . 27.04 -17.78 -27.44
CHD BCL M . 24.75 -14.14 -25.27
NA BCL M . 25.04 -14.07 -30.46
C1A BCL M . 24.40 -12.87 -30.71
C2A BCL M . 24.33 -12.57 -32.19
C3A BCL M . 25.32 -13.56 -32.78
C4A BCL M . 25.54 -14.55 -31.66
CMA BCL M . 24.74 -14.26 -34.01
CAA BCL M . 24.66 -11.11 -32.66
CBA BCL M . 26.15 -10.66 -32.51
CGA BCL M . 26.54 -10.58 -31.07
O1A BCL M . 26.18 -9.72 -30.31
O2A BCL M . 27.26 -11.62 -30.69
NB BCL M . 26.49 -16.51 -29.45
C1B BCL M . 26.76 -16.63 -30.81
C2B BCL M . 27.56 -17.75 -31.06
C3B BCL M . 27.80 -18.39 -29.83
C4B BCL M . 27.13 -17.55 -28.83
CMB BCL M . 28.03 -18.12 -32.47
CAB BCL M . 28.54 -19.61 -29.53
OBB BCL M . 29.00 -19.88 -28.40
CBB BCL M . 28.81 -20.65 -30.60
NC BCL M . 25.81 -15.85 -26.65
C1C BCL M . 26.50 -17.00 -26.42
C2C BCL M . 26.51 -17.39 -24.97
C3C BCL M . 26.08 -16.08 -24.29
C4C BCL M . 25.46 -15.31 -25.43
CMC BCL M . 25.56 -18.56 -24.75
CAC BCL M . 27.25 -15.29 -23.64
CBC BCL M . 27.95 -16.06 -22.51
ND BCL M . 24.53 -13.51 -27.63
C1D BCL M . 24.25 -13.25 -26.28
C2D BCL M . 23.48 -12.09 -26.13
C3D BCL M . 23.28 -11.61 -27.40
C4D BCL M . 23.93 -12.48 -28.28
CMD BCL M . 22.98 -11.51 -24.80
CAD BCL M . 22.69 -10.60 -28.19
OBD BCL M . 21.97 -9.65 -27.87
CBD BCL M . 23.09 -10.85 -29.67
CGD BCL M . 21.91 -10.82 -30.55
O1D BCL M . 21.04 -11.67 -30.58
O2D BCL M . 21.84 -9.76 -31.34
CED BCL M . 20.75 -9.67 -32.30
C1 BCL M . 27.62 -11.60 -29.26
C2 BCL M . 28.41 -12.90 -29.04
C3 BCL M . 28.58 -13.41 -27.83
C4 BCL M . 28.05 -12.81 -26.53
C5 BCL M . 29.36 -14.69 -27.61
C6 BCL M . 30.09 -15.29 -28.80
C7 BCL M . 30.85 -16.55 -28.33
C8 BCL M . 31.97 -16.94 -29.31
C9 BCL M . 31.36 -17.29 -30.68
C10 BCL M . 32.81 -18.10 -28.73
C11 BCL M . 33.40 -17.85 -27.34
C12 BCL M . 34.28 -16.57 -27.26
C13 BCL M . 34.93 -16.37 -25.88
C14 BCL M . 35.79 -17.57 -25.45
C15 BCL M . 33.80 -16.19 -24.85
C16 BCL M . 33.28 -14.74 -24.91
C17 BCL M . 32.16 -14.40 -23.94
C18 BCL M . 31.91 -12.93 -23.70
C19 BCL M . 30.70 -12.92 -22.73
C20 BCL M . 31.60 -12.08 -24.94
MG BCL N . 19.62 -4.17 -25.33
CHA BCL N . 22.14 -2.85 -27.36
CHB BCL N . 20.24 -7.22 -26.71
CHC BCL N . 17.91 -5.62 -22.75
CHD BCL N . 19.46 -1.10 -23.64
NA BCL N . 21.07 -4.92 -26.80
C1A BCL N . 21.95 -4.19 -27.61
C2A BCL N . 22.65 -5.06 -28.61
C3A BCL N . 21.84 -6.38 -28.53
C4A BCL N . 21.04 -6.23 -27.27
CMA BCL N . 20.91 -6.57 -29.74
CAA BCL N . 24.10 -5.24 -28.23
CBA BCL N . 24.86 -6.03 -29.33
CGA BCL N . 26.16 -6.51 -28.80
O1A BCL N . 27.24 -6.11 -29.12
O2A BCL N . 26.01 -7.50 -27.98
NB BCL N . 19.14 -6.10 -24.80
C1B BCL N . 19.45 -7.23 -25.55
C2B BCL N . 18.85 -8.37 -24.95
C3B BCL N . 18.14 -7.95 -23.84
C4B BCL N . 18.40 -6.51 -23.72
CMB BCL N . 19.00 -9.78 -25.52
CAB BCL N . 17.27 -8.71 -22.94
OBB BCL N . 16.33 -8.14 -22.38
CBB BCL N . 17.45 -10.19 -22.67
NC BCL N . 18.85 -3.46 -23.47
C1C BCL N . 18.16 -4.23 -22.57
C2C BCL N . 17.76 -3.47 -21.35
C3C BCL N . 18.12 -2.04 -21.70
C4C BCL N . 18.87 -2.17 -22.99
CMC BCL N . 16.26 -3.67 -21.02
CAC BCL N . 18.95 -1.30 -20.62
CBC BCL N . 18.20 -1.17 -19.30
ND BCL N . 20.62 -2.38 -25.38
C1D BCL N . 20.32 -1.15 -24.79
C2D BCL N . 20.94 -0.09 -25.48
C3D BCL N . 21.68 -0.69 -26.49
C4D BCL N . 21.48 -2.06 -26.40
CMD BCL N . 20.81 1.39 -25.14
CAD BCL N . 22.55 -0.47 -27.59
OBD BCL N . 22.95 0.59 -28.10
CBD BCL N . 22.99 -1.84 -28.15
CGD BCL N . 22.85 -1.88 -29.63
O1D BCL N . 21.83 -1.65 -30.24
O2D BCL N . 23.97 -2.19 -30.25
CED BCL N . 24.02 -2.24 -31.71
C1 BCL N . 27.24 -8.05 -27.45
C2 BCL N . 26.80 -9.10 -26.48
C3 BCL N . 26.95 -8.88 -25.21
C4 BCL N . 27.57 -7.62 -24.61
C5 BCL N . 26.52 -9.91 -24.18
C6 BCL N . 27.61 -10.35 -23.21
C7 BCL N . 27.07 -11.36 -22.19
C8 BCL N . 26.01 -10.82 -21.24
C9 BCL N . 26.50 -9.53 -20.54
C10 BCL N . 25.64 -11.87 -20.19
C11 BCL N . 24.99 -13.08 -20.77
C12 BCL N . 24.40 -13.98 -19.68
C13 BCL N . 24.09 -15.36 -20.25
C14 BCL N . 23.01 -15.32 -21.34
C15 BCL N . 23.63 -16.23 -19.07
C16 BCL N . 23.43 -17.67 -19.48
C17 BCL N . 24.55 -18.42 -20.23
C18 BCL N . 25.86 -18.57 -19.55
C19 BCL N . 26.67 -19.51 -20.44
C20 BCL N . 25.76 -19.16 -18.15
MG BCL O . 16.31 4.70 -10.26
CHA BCL O . 17.24 3.46 -13.35
CHB BCL O . 14.73 1.72 -9.65
CHC BCL O . 14.92 6.05 -7.48
CHD BCL O . 16.85 7.94 -11.47
NA BCL O . 16.06 2.84 -11.37
C1A BCL O . 16.63 2.50 -12.61
C2A BCL O . 16.38 1.05 -12.97
C3A BCL O . 15.36 0.61 -11.88
C4A BCL O . 15.42 1.73 -10.86
CMA BCL O . 13.97 0.42 -12.47
CAA BCL O . 17.67 0.21 -12.96
CBA BCL O . 17.43 -1.22 -13.50
CGA BCL O . 18.50 -2.16 -13.12
O1A BCL O . 18.64 -2.59 -12.06
O2A BCL O . 19.31 -2.49 -14.11
NB BCL O . 14.98 4.01 -8.83
C1B BCL O . 14.50 2.71 -8.71
C2B BCL O . 13.82 2.56 -7.49
C3B BCL O . 13.83 3.81 -6.83
C4B BCL O . 14.57 4.69 -7.70
CMB BCL O . 13.23 1.23 -7.03
CAB BCL O . 13.21 4.07 -5.55
OBB BCL O . 12.99 3.14 -4.76
CBB BCL O . 12.80 5.47 -5.12
NC BCL O . 15.96 6.69 -9.59
C1C BCL O . 15.47 7.01 -8.34
C2C BCL O . 15.76 8.42 -7.97
C3C BCL O . 15.91 9.06 -9.35
C4C BCL O . 16.31 7.87 -10.19
CMC BCL O . 14.66 9.03 -7.10
CAC BCL O . 16.97 10.20 -9.33
CBC BCL O . 16.57 11.35 -10.21
ND BCL O . 16.87 5.55 -12.00
C1D BCL O . 17.12 6.88 -12.38
C2D BCL O . 17.68 6.94 -13.69
C3D BCL O . 17.74 5.64 -14.13
C4D BCL O . 17.25 4.83 -13.11
CMD BCL O . 18.10 8.22 -14.39
CAD BCL O . 18.07 4.78 -15.21
OBD BCL O . 18.46 5.05 -16.38
CBD BCL O . 17.87 3.33 -14.74
CGD BCL O . 17.04 2.59 -15.71
O1D BCL O . 17.40 1.61 -16.30
O2D BCL O . 15.84 3.10 -15.89
CED BCL O . 14.97 2.34 -16.80
C1 BCL O . 20.40 -3.43 -13.81
C2 BCL O . 21.17 -3.53 -15.12
C3 BCL O . 22.22 -4.28 -15.24
C4 BCL O . 22.82 -5.13 -14.14
C5 BCL O . 22.96 -4.33 -16.59
C6 BCL O . 23.22 -5.68 -17.19
C7 BCL O . 24.11 -5.61 -18.44
C8 BCL O . 25.61 -5.79 -18.22
C8 BCL O . 25.59 -5.26 -18.24
C9 BCL O . 26.36 -5.70 -19.57
C9 BCL O . 26.39 -5.70 -19.49
C10 BCL O . 25.87 -7.17 -17.61
C10 BCL O . 26.17 -5.94 -17.00
C11 BCL O . 27.19 -7.30 -16.86
C11 BCL O . 26.29 -7.45 -16.84
C12 BCL O . 27.47 -8.75 -16.45
C12 BCL O . 26.61 -7.78 -15.39
C13 BCL O . 26.23 -9.44 -15.86
C13 BCL O . 27.02 -9.24 -15.14
C14 BCL O . 25.84 -8.90 -14.47
C14 BCL O . 28.22 -9.64 -15.98
C15 BCL O . 26.56 -10.91 -15.69
C15 BCL O . 25.85 -10.18 -15.48
C16 BCL O . 25.31 -11.63 -15.26
C16 BCL O . 26.14 -11.58 -15.00
C17 BCL O . 25.69 -12.59 -14.14
C17 BCL O . 25.27 -12.76 -15.49
C18 BCL O . 24.62 -13.60 -13.91
C18 BCL O . 25.87 -14.08 -15.03
C19 BCL O . 25.05 -14.23 -12.58
C19 BCL O . 25.31 -15.17 -15.96
C20 BCL O . 24.53 -14.63 -15.05
C20 BCL O . 25.61 -14.41 -13.55
MG BCL P . 17.39 -1.97 -1.34
CHA BCL P . 15.54 -1.82 1.58
CHB BCL P . 17.78 -5.29 -0.80
CHC BCL P . 18.34 -2.30 -4.57
CHD BCL P . 16.73 1.40 -1.94
NA BCL P . 16.71 -3.35 0.19
C1A BCL P . 16.10 -3.04 1.41
C2A BCL P . 16.02 -4.26 2.30
C3A BCL P . 17.02 -5.21 1.66
C4A BCL P . 17.18 -4.64 0.27
CMA BCL P . 18.34 -5.18 2.45
CAA BCL P . 14.57 -4.86 2.39
CBA BCL P . 13.92 -5.14 1.01
CGA BCL P . 13.17 -3.97 0.49
O1A BCL P . 12.57 -3.11 1.16
O2A BCL P . 13.23 -3.83 -0.83
NB BCL P . 17.90 -3.55 -2.54
C1B BCL P . 18.08 -4.87 -2.10
C2B BCL P . 18.54 -5.67 -3.16
C3B BCL P . 18.69 -4.84 -4.29
C4B BCL P . 18.33 -3.51 -3.84
CMB BCL P . 18.78 -7.17 -2.98
CAB BCL P . 19.10 -5.17 -5.67
OBB BCL P . 19.14 -4.32 -6.56
CBB BCL P . 19.48 -6.57 -6.09
NC BCL P . 17.50 -0.64 -3.00
C1C BCL P . 18.04 -0.97 -4.20
C2C BCL P . 18.08 0.19 -5.15
C3C BCL P . 17.82 1.38 -4.24
C4C BCL P . 17.28 0.72 -2.99
CMC BCL P . 19.40 0.26 -5.93
CAC BCL P . 16.79 2.38 -4.82
CBC BCL P . 17.31 3.03 -6.09
ND BCL P . 16.32 -0.51 -0.45
C1D BCL P . 16.16 0.85 -0.73
C2D BCL P . 15.42 1.51 0.28
C3D BCL P . 15.14 0.52 1.23
C4D BCL P . 15.70 -0.66 0.76
CMD BCL P . 15.05 2.98 0.29
CAD BCL P . 14.57 0.24 2.50
OBD BCL P . 13.99 0.99 3.31
CBD BCL P . 14.80 -1.27 2.82
CGD BCL P . 15.56 -1.42 4.06
O1D BCL P . 16.70 -1.04 4.21
O2D BCL P . 14.90 -2.05 5.04
CED BCL P . 15.65 -2.24 6.28
C1 BCL P . 12.50 -2.68 -1.36
C2 BCL P . 12.59 -2.80 -2.89
C3 BCL P . 13.25 -1.95 -3.63
C4 BCL P . 14.01 -0.71 -3.14
C5 BCL P . 13.30 -2.14 -5.15
C6 BCL P . 14.71 -2.31 -5.74
C7 BCL P . 14.68 -2.72 -7.21
C8 BCL P . 16.07 -2.60 -7.83
C9 BCL P . 16.33 -1.14 -8.28
C10 BCL P . 16.22 -3.57 -9.02
C11 BCL P . 15.17 -3.43 -10.12
C12 BCL P . 15.45 -4.41 -11.28
C13 BCL P . 14.50 -4.24 -12.49
C14 BCL P . 13.04 -4.48 -12.17
C15 BCL P . 14.93 -5.28 -13.57
C16 BCL P . 16.27 -5.06 -14.24
C17 BCL P . 16.58 -5.97 -15.45
C18 BCL P . 17.85 -5.77 -16.22
C19 BCL P . 17.66 -4.46 -17.00
C20 BCL P . 18.13 -6.96 -17.15
MG BCL Q . 21.08 -15.07 -4.42
CHA BCL Q . 21.34 -11.82 -3.30
CHB BCL Q . 18.34 -15.45 -2.42
CHC BCL Q . 20.43 -18.04 -5.93
CHD BCL Q . 23.39 -14.34 -6.97
NA BCL Q . 20.01 -13.78 -3.06
C1A BCL Q . 20.37 -12.51 -2.62
C2A BCL Q . 19.51 -12.06 -1.48
C3A BCL Q . 18.85 -13.37 -1.03
C4A BCL Q . 19.03 -14.26 -2.21
CMA BCL Q . 19.55 -13.94 0.22
CAA BCL Q . 18.47 -11.00 -1.91
CBA BCL Q . 17.73 -10.46 -0.66
CGA BCL Q . 16.61 -9.49 -0.95
O1A BCL Q . 16.19 -8.75 -0.18
O2A BCL Q . 16.11 -9.51 -2.17
NB BCL Q . 19.59 -16.47 -4.28
C1B BCL Q . 18.60 -16.50 -3.29
C2B BCL Q . 17.87 -17.70 -3.37
C3B BCL Q . 18.50 -18.51 -4.32
C4B BCL Q . 19.54 -17.69 -4.91
CMB BCL Q . 16.62 -17.94 -2.55
CAB BCL Q . 18.29 -19.92 -4.68
OBB BCL Q . 18.46 -20.32 -5.82
CBB BCL Q . 17.88 -20.94 -3.64
NC BCL Q . 21.79 -16.02 -6.20
C1C BCL Q . 21.48 -17.31 -6.55
C2C BCL Q . 22.37 -17.89 -7.59
C3C BCL Q . 23.17 -16.65 -8.06
C4C BCL Q . 22.83 -15.61 -7.01
CMC BCL Q . 23.27 -18.99 -7.05
CAC BCL Q . 22.81 -16.14 -9.48
CBC BCL Q . 23.23 -17.11 -10.59
ND BCL Q . 22.11 -13.44 -5.06
C1D BCL Q . 23.11 -13.28 -6.04
C2D BCL Q . 23.73 -12.02 -5.92
C3D BCL Q . 23.09 -11.38 -4.87
C4D BCL Q . 22.12 -12.27 -4.38
CMD BCL Q . 24.88 -11.49 -6.81
CAD BCL Q . 22.98 -10.20 -4.11
OBD BCL Q . 23.66 -9.14 -4.16
CBD BCL Q . 21.83 -10.37 -3.07
CGD BCL Q . 22.30 -10.12 -1.71
O1D BCL Q . 21.97 -9.20 -1.00
O2D BCL Q . 23.16 -11.02 -1.32
CED BCL Q . 23.67 -10.89 0.04
C1 BCL Q . 15.00 -8.56 -2.43
C2 BCL Q . 15.12 -8.12 -3.89
C3 BCL Q . 15.01 -6.89 -4.33
C4 BCL Q . 14.77 -5.65 -3.46
C5 BCL Q . 15.14 -6.55 -5.80
C6 BCL Q . 15.09 -7.70 -6.78
C7 BCL Q . 15.13 -7.15 -8.20
C8 BCL Q . 14.97 -8.14 -9.34
C9 BCL Q . 13.57 -8.78 -9.29
C10 BCL Q . 16.08 -9.21 -9.27
C11 BCL Q . 17.49 -8.61 -9.36
C12 BCL Q . 17.82 -8.08 -10.76
C13 BCL Q . 19.25 -7.51 -10.88
C14 BCL Q . 19.38 -6.10 -10.33
C15 BCL Q . 19.63 -7.40 -12.36
C16 BCL Q . 19.95 -8.70 -13.07
C17 BCL Q . 20.68 -8.37 -14.36
C18 BCL Q . 21.21 -9.58 -15.06
C19 BCL Q . 22.08 -8.97 -16.17
C20 BCL Q . 20.09 -10.45 -15.64
MG BCL R . 29.01 -15.85 -12.94
CHA BCL R . 27.31 -18.29 -11.15
CHA BCL R . 27.31 -18.28 -11.15
CHB BCL R . 28.52 -17.70 -15.74
CHC BCL R . 29.63 -13.08 -14.82
CHD BCL R . 29.04 -13.84 -10.10
NA BCL R . 28.02 -17.73 -13.35
C1A BCL R . 27.46 -18.63 -12.46
C2A BCL R . 26.85 -19.81 -13.20
C3A BCL R . 27.53 -19.72 -14.57
C4A BCL R . 28.05 -18.31 -14.62
CMA BCL R . 28.69 -20.69 -14.72
CAA BCL R . 25.33 -19.76 -13.30
CBA BCL R . 24.82 -18.51 -14.04
CGA BCL R . 23.33 -18.50 -14.21
O1A BCL R . 22.63 -19.40 -14.02
O2A BCL R . 22.85 -17.40 -14.57
NB BCL R . 29.02 -15.44 -14.94
C1B BCL R . 28.84 -16.36 -15.97
C2B BCL R . 29.00 -15.75 -17.23
C3B BCL R . 29.28 -14.40 -17.01
C4B BCL R . 29.35 -14.25 -15.56
CMB BCL R . 28.83 -16.54 -18.53
CAB BCL R . 29.40 -13.30 -17.97
OBB BCL R . 29.43 -12.12 -17.62
CBB BCL R . 29.50 -13.51 -19.47
NC BCL R . 29.28 -13.77 -12.51
NC BCL R . 29.29 -13.78 -12.52
C1C BCL R . 29.60 -12.82 -13.44
C1C BCL R . 29.56 -12.82 -13.44
C2C BCL R . 29.97 -11.52 -12.84
C2C BCL R . 30.00 -11.55 -12.80
C3C BCL R . 29.93 -11.81 -11.35
C3C BCL R . 29.33 -11.66 -11.44
C4C BCL R . 29.33 -13.18 -11.28
C4C BCL R . 29.29 -13.16 -11.28
CMC BCL R . 31.33 -11.01 -13.35
CMC BCL R . 31.51 -11.43 -12.74
CAC BCL R . 29.12 -10.77 -10.56
CAC BCL R . 27.95 -10.97 -11.48
CBC BCL R . 27.68 -10.75 -10.98
CBC BCL R . 27.25 -10.92 -10.15
ND BCL R . 28.32 -15.98 -11.04
C1D BCL R . 28.44 -15.13 -9.94
C2D BCL R . 27.93 -15.72 -8.78
C3D BCL R . 27.46 -16.97 -9.18
C3D BCL R . 27.46 -16.97 -9.18
C4D BCL R . 27.71 -17.08 -10.54
C4D BCL R . 27.71 -17.08 -10.54
CMD BCL R . 27.90 -15.09 -7.41
CAD BCL R . 26.89 -18.20 -8.76
CAD BCL R . 26.88 -18.21 -8.78
OBD BCL R . 26.49 -18.55 -7.65
OBD BCL R . 26.65 -18.64 -7.65
CBD BCL R . 26.84 -19.17 -9.98
CBD BCL R . 26.52 -19.00 -10.05
CGD BCL R . 27.66 -20.35 -9.72
CGD BCL R . 26.79 -20.44 -9.93
O1D BCL R . 28.54 -20.45 -8.88
O1D BCL R . 25.97 -21.27 -9.59
O2D BCL R . 27.37 -21.37 -10.50
O2D BCL R . 28.03 -20.79 -10.24
CED BCL R . 28.22 -22.54 -10.37
CED BCL R . 28.36 -22.21 -10.25
C1 BCL R . 21.41 -17.33 -14.77
C2 BCL R . 20.96 -16.10 -14.02
C3 BCL R . 20.66 -14.98 -14.60
C4 BCL R . 20.70 -14.70 -16.10
C5 BCL R . 20.21 -13.78 -13.77
C6 BCL R . 20.78 -13.67 -12.36
C7 BCL R . 20.32 -12.33 -11.80
C8 BCL R . 20.92 -11.83 -10.49
C9 BCL R . 22.45 -12.08 -10.47
C10 BCL R . 20.21 -12.54 -9.34
C11 BCL R . 20.30 -11.90 -8.00
C12 BCL R . 19.40 -12.66 -7.03
C13 BCL R . 18.15 -11.88 -6.67
C14 BCL R . 18.47 -10.64 -5.85
C15 BCL R . 17.39 -12.85 -5.77
C16 BCL R . 16.78 -14.01 -6.45
C17 BCL R . 15.97 -14.86 -5.48
C18 BCL R . 15.08 -15.81 -6.26
C19 BCL R . 13.78 -15.94 -5.45
C20 BCL R . 15.70 -17.18 -6.53
MG BCL S . 25.16 -3.35 -11.95
CHA BCL S . 23.37 -0.49 -12.78
CHB BCL S . 27.11 -2.79 -14.68
CHC BCL S . 26.50 -6.46 -11.56
CHD BCL S . 22.61 -4.24 -9.71
NA BCL S . 25.20 -1.83 -13.52
C1A BCL S . 24.39 -0.71 -13.67
C2A BCL S . 24.92 0.23 -14.69
C3A BCL S . 25.95 -0.65 -15.45
C4A BCL S . 26.12 -1.85 -14.54
CMA BCL S . 25.42 -1.10 -16.81
CAA BCL S . 25.56 1.47 -14.03
CBA BCL S . 26.14 2.49 -15.03
CGA BCL S . 25.11 3.21 -15.87
O1A BCL S . 25.27 4.21 -16.43
O2A BCL S . 23.94 2.71 -15.99
NB BCL S . 26.52 -4.49 -12.99
C1B BCL S . 27.38 -3.97 -13.97
C2B BCL S . 28.54 -4.76 -14.09
C3B BCL S . 28.43 -5.83 -13.18
C4B BCL S . 27.11 -5.64 -12.54
CMB BCL S . 29.70 -4.42 -15.09
CAB BCL S . 29.35 -6.90 -12.84
OBB BCL S . 29.20 -7.60 -11.85
CBB BCL S . 30.58 -7.23 -13.68
NC BCL S . 24.63 -5.08 -10.82
C1C BCL S . 25.31 -6.27 -10.82
C2C BCL S . 24.69 -7.32 -9.95
C3C BCL S . 23.36 -6.66 -9.52
C4C BCL S . 23.52 -5.24 -9.98
CMC BCL S . 24.42 -8.61 -10.72
CAC BCL S . 23.03 -6.77 -7.97
CBC BCL S . 22.69 -8.19 -7.58
ND BCL S . 23.38 -2.60 -11.39
C1D BCL S . 22.47 -2.97 -10.38
C2D BCL S . 21.49 -1.98 -10.17
C3D BCL S . 21.79 -0.97 -11.07
C4D BCL S . 22.91 -1.37 -11.79
CMD BCL S . 20.35 -2.06 -9.17
CAD BCL S . 21.39 0.28 -11.60
OBD BCL S . 20.46 1.01 -11.27
CBD BCL S . 22.37 0.68 -12.74
CGD BCL S . 21.59 0.92 -13.98
O1D BCL S . 21.18 1.98 -14.36
O2D BCL S . 21.35 -0.16 -14.71
CED BCL S . 20.57 0.00 -15.95
C1 BCL S . 22.96 3.36 -16.82
C2 BCL S . 22.76 2.44 -18.01
C3 BCL S . 22.62 2.89 -19.23
C4 BCL S . 22.64 4.37 -19.63
C5 BCL S . 22.43 1.92 -20.37
C6 BCL S . 22.67 0.46 -20.05
C7 BCL S . 22.71 -0.35 -21.37
C8 BCL S . 23.08 -1.82 -21.16
C9 BCL S . 24.52 -1.95 -20.67
C10 BCL S . 22.89 -2.62 -22.47
C11 BCL S . 23.09 -4.07 -22.17
C12 BCL S . 23.00 -4.88 -23.46
C13 BCL S . 23.38 -6.35 -23.29
C14 BCL S . 23.63 -7.04 -24.64
C15 BCL S . 22.29 -7.14 -22.52
C15 BCL S . 22.16 -6.95 -22.59
C16 BCL S . 22.59 -7.46 -21.05
C16 BCL S . 22.40 -8.23 -21.90
C17 BCL S . 21.74 -8.36 -20.14
C17 BCL S . 21.03 -8.54 -21.26
C18 BCL S . 21.80 -9.87 -20.34
C18 BCL S . 21.16 -9.56 -20.19
C19 BCL S . 21.00 -10.22 -21.62
C19 BCL S . 21.80 -10.79 -20.87
C20 BCL S . 21.20 -10.69 -19.18
C20 BCL S . 19.81 -9.94 -19.59
S SO4 T . 20.13 -17.53 9.73
O1 SO4 T . 19.56 -18.06 10.97
O2 SO4 T . 19.15 -16.67 9.08
O3 SO4 T . 20.45 -18.65 8.84
O4 SO4 T . 21.34 -16.77 10.02
S SO4 U . 13.65 11.66 12.84
O1 SO4 U . 12.46 12.15 13.54
O2 SO4 U . 14.49 12.80 12.49
O3 SO4 U . 14.39 10.74 13.69
O4 SO4 U . 13.23 10.97 11.61
S SO4 V . 44.62 -6.49 -16.14
O1 SO4 V . 43.53 -7.46 -16.01
O2 SO4 V . 44.19 -5.19 -15.64
O3 SO4 V . 45.77 -6.96 -15.40
O4 SO4 V . 44.98 -6.37 -17.56
#